data_6FJH
#
_entry.id   6FJH
#
_cell.length_a   125.300
_cell.length_b   125.300
_cell.length_c   154.530
_cell.angle_alpha   90.000
_cell.angle_beta   90.000
_cell.angle_gamma   90.000
#
_symmetry.space_group_name_H-M   'P 41 21 2'
#
loop_
_entity.id
_entity.type
_entity.pdbx_description
1 polymer LkcE
2 non-polymer 'FLAVIN-ADENINE DINUCLEOTIDE'
3 non-polymer 'OXYGEN MOLECULE'
4 non-polymer 'SODIUM ION'
5 water water
#
_entity_poly.entity_id   1
_entity_poly.type   'polypeptide(L)'
_entity_poly.pdbx_seq_one_letter_code
;GPGS(MSE)TVVEAKSRIAVVGGGGSGSVAAWLLARRHDVTLFEADEYLGGHAYSHPVETDQGTLHVD(MSE)GVEHFNE
KLSPNLFRLLTDFGIGTYVAPSSVHVDFPGEQQSWNNLDFLGELREELHEEFDRFHQE(MSE)NQLPTSGDDSYKQ
(MSE)SIGEYLDKHGYSKSFKYKA(MSE)NPILSIYSGCHAPSLDYNL(MSE)YVALSFS(MSE)NLLSFFSAGYWRKAQ
GGIHSYLARIESDLGERVRLNTPVEAVVPTQSGVTVLAGGQEHHFDQVVFATHADVTLRLLRTSDQQYRDLLGDFAYVPV
ESVLHQDESWLSPAGGGAYCQFR(MSE)PEGFELARAEEQ(MSE)GSLTRNCNVLHPYRKVSSPILITFDPQEDVDPERV
IVRREWKLPQLRPVDVRRKKRLHEIQGLNGLWFCGTDTSVTGHEGAIVSG(MSE)VIADRLGVPHPFPDDAPAAAQFRGI
KEF(MSE)GV
;
_entity_poly.pdbx_strand_id   A,B
#
loop_
_chem_comp.id
_chem_comp.type
_chem_comp.name
_chem_comp.formula
FAD non-polymer 'FLAVIN-ADENINE DINUCLEOTIDE' 'C27 H33 N9 O15 P2'
NA non-polymer 'SODIUM ION' 'Na 1'
OXY non-polymer 'OXYGEN MOLECULE' O2
#
# COMPACT_ATOMS: atom_id res chain seq x y z
N VAL A 8 30.21 -7.88 29.73
CA VAL A 8 29.79 -6.74 30.55
C VAL A 8 28.88 -7.20 31.70
N GLU A 9 29.40 -7.10 32.92
CA GLU A 9 28.74 -7.46 34.18
C GLU A 9 27.51 -6.57 34.43
N ALA A 10 26.58 -7.04 35.27
CA ALA A 10 25.38 -6.29 35.62
C ALA A 10 25.73 -5.17 36.58
N LYS A 11 24.76 -4.27 36.84
CA LYS A 11 24.88 -3.11 37.72
C LYS A 11 26.18 -2.25 37.44
N SER A 12 26.56 -2.17 36.15
CA SER A 12 27.71 -1.39 35.66
C SER A 12 27.31 0.09 35.54
N ARG A 13 28.28 1.01 35.60
CA ARG A 13 27.98 2.43 35.47
C ARG A 13 28.04 2.80 33.96
N ILE A 14 26.85 3.09 33.33
CA ILE A 14 26.77 3.37 31.89
C ILE A 14 26.21 4.75 31.61
N ALA A 15 26.92 5.53 30.79
CA ALA A 15 26.43 6.84 30.41
C ALA A 15 25.78 6.79 29.00
N VAL A 16 24.82 7.69 28.77
CA VAL A 16 24.16 7.81 27.48
C VAL A 16 24.34 9.26 27.05
N VAL A 17 25.15 9.43 25.99
CA VAL A 17 25.45 10.73 25.38
C VAL A 17 24.42 10.94 24.27
N GLY A 18 23.65 12.02 24.38
CA GLY A 18 22.57 12.32 23.45
C GLY A 18 21.25 11.77 23.95
N GLY A 19 20.28 12.66 24.11
CA GLY A 19 18.96 12.29 24.61
C GLY A 19 17.80 12.45 23.64
N GLY A 20 18.00 12.06 22.39
CA GLY A 20 16.93 12.06 21.41
C GLY A 20 16.22 10.74 21.57
N GLY A 21 15.35 10.42 20.63
CA GLY A 21 14.61 9.17 20.63
C GLY A 21 15.43 7.92 20.88
N SER A 22 16.62 7.80 20.25
CA SER A 22 17.48 6.61 20.39
C SER A 22 18.10 6.50 21.78
N GLY A 23 18.67 7.62 22.27
CA GLY A 23 19.28 7.75 23.59
C GLY A 23 18.29 7.39 24.66
N SER A 24 17.20 8.17 24.74
CA SER A 24 16.06 8.00 25.64
C SER A 24 15.54 6.55 25.73
N VAL A 25 15.41 5.83 24.61
CA VAL A 25 14.93 4.46 24.64
C VAL A 25 16.01 3.56 25.24
N ALA A 26 17.25 3.75 24.81
CA ALA A 26 18.41 2.99 25.31
C ALA A 26 18.57 3.21 26.83
N ALA A 27 18.53 4.48 27.28
CA ALA A 27 18.63 4.89 28.67
C ALA A 27 17.51 4.25 29.48
N TRP A 28 16.27 4.35 29.00
CA TRP A 28 15.07 3.81 29.62
C TRP A 28 15.14 2.30 29.81
N LEU A 29 15.59 1.55 28.82
CA LEU A 29 15.75 0.10 28.98
C LEU A 29 16.99 -0.24 29.81
N LEU A 30 18.04 0.61 29.73
CA LEU A 30 19.28 0.38 30.47
C LEU A 30 19.14 0.75 31.95
N ALA A 31 18.08 1.50 32.33
CA ALA A 31 17.76 1.85 33.73
C ALA A 31 17.55 0.54 34.52
N ARG A 32 17.04 -0.50 33.84
CA ARG A 32 16.85 -1.86 34.33
C ARG A 32 18.26 -2.44 34.17
N ARG A 33 18.68 -3.35 35.04
CA ARG A 33 20.01 -3.98 35.00
C ARG A 33 21.18 -3.04 35.40
N HIS A 34 21.33 -1.82 34.82
CA HIS A 34 22.48 -0.95 35.13
C HIS A 34 22.16 0.43 35.74
N ASP A 35 23.22 1.14 36.22
CA ASP A 35 23.08 2.48 36.78
C ASP A 35 23.43 3.43 35.65
N VAL A 36 22.40 4.07 35.09
CA VAL A 36 22.60 4.90 33.93
C VAL A 36 22.39 6.39 34.17
N THR A 37 23.13 7.19 33.41
CA THR A 37 23.02 8.63 33.38
C THR A 37 22.82 9.02 31.92
N LEU A 38 21.90 9.95 31.67
CA LEU A 38 21.60 10.40 30.33
C LEU A 38 21.94 11.88 30.24
N PHE A 39 22.95 12.17 29.40
CA PHE A 39 23.42 13.54 29.15
C PHE A 39 22.73 14.08 27.91
N GLU A 40 22.14 15.27 28.03
CA GLU A 40 21.46 15.91 26.93
C GLU A 40 21.83 17.38 26.80
N ALA A 41 22.40 17.75 25.64
CA ALA A 41 22.82 19.13 25.44
C ALA A 41 21.68 20.18 25.60
N ASP A 42 20.49 19.91 25.02
CA ASP A 42 19.31 20.78 25.01
C ASP A 42 18.38 20.56 26.23
N GLU A 43 17.43 21.50 26.42
CA GLU A 43 16.45 21.57 27.51
C GLU A 43 15.33 20.55 27.50
N TYR A 44 15.41 19.47 26.66
CA TYR A 44 14.33 18.48 26.57
C TYR A 44 14.79 17.14 26.01
N LEU A 45 13.92 16.11 26.09
CA LEU A 45 14.23 14.81 25.50
C LEU A 45 13.56 14.68 24.11
N GLY A 46 14.23 14.01 23.17
CA GLY A 46 13.66 13.81 21.84
C GLY A 46 14.41 14.28 20.63
N GLY A 47 15.13 15.39 20.76
CA GLY A 47 15.92 15.96 19.67
C GLY A 47 15.07 16.27 18.46
N HIS A 48 15.19 15.42 17.42
CA HIS A 48 14.40 15.62 16.19
C HIS A 48 12.90 15.49 16.42
N ALA A 49 12.49 14.79 17.53
CA ALA A 49 11.14 14.61 18.00
C ALA A 49 10.77 15.78 18.94
N TYR A 50 10.31 16.88 18.33
CA TYR A 50 9.90 18.11 19.03
C TYR A 50 8.46 18.50 18.66
N SER A 51 7.65 18.81 19.71
CA SER A 51 6.23 19.21 19.68
C SER A 51 6.13 20.53 20.40
N HIS A 52 5.95 21.62 19.66
CA HIS A 52 5.90 22.98 20.18
C HIS A 52 4.47 23.44 20.57
N PRO A 53 4.27 23.91 21.83
CA PRO A 53 2.93 24.35 22.24
C PRO A 53 2.44 25.60 21.54
N VAL A 54 1.30 25.45 20.86
CA VAL A 54 0.63 26.54 20.13
C VAL A 54 -0.71 26.82 20.78
N GLU A 55 -0.93 28.10 21.12
CA GLU A 55 -2.15 28.55 21.78
C GLU A 55 -3.23 28.87 20.78
N THR A 56 -4.40 28.24 20.98
CA THR A 56 -5.56 28.37 20.10
C THR A 56 -6.85 28.41 20.92
N ASP A 57 -7.97 28.82 20.29
CA ASP A 57 -9.25 28.93 20.97
C ASP A 57 -9.74 27.59 21.55
N GLN A 58 -9.45 26.49 20.87
CA GLN A 58 -9.83 25.15 21.29
C GLN A 58 -8.92 24.60 22.39
N GLY A 59 -7.66 25.10 22.45
CA GLY A 59 -6.73 24.69 23.49
C GLY A 59 -5.26 24.94 23.22
N THR A 60 -4.40 24.15 23.89
CA THR A 60 -2.96 24.20 23.64
C THR A 60 -2.71 22.95 22.83
N LEU A 61 -2.00 23.13 21.71
CA LEU A 61 -1.66 22.04 20.82
C LEU A 61 -0.16 21.80 20.83
N HIS A 62 0.23 20.53 20.88
CA HIS A 62 1.65 20.14 20.82
C HIS A 62 1.91 19.76 19.39
N VAL A 63 2.32 20.78 18.61
CA VAL A 63 2.57 20.77 17.17
C VAL A 63 3.94 20.19 16.81
N ASP A 64 3.94 19.01 16.16
CA ASP A 64 5.14 18.29 15.72
C ASP A 64 5.86 19.05 14.62
N MSE A 65 7.08 19.52 14.93
CA MSE A 65 7.93 20.31 14.03
C MSE A 65 9.04 19.52 13.35
O MSE A 65 9.60 19.99 12.38
CB MSE A 65 8.54 21.45 14.79
CG MSE A 65 7.60 22.58 14.99
SE MSE A 65 8.59 23.93 15.92
CE MSE A 65 9.57 24.80 14.42
N GLY A 66 9.39 18.38 13.91
CA GLY A 66 10.46 17.55 13.38
C GLY A 66 9.83 16.25 12.97
N VAL A 67 10.16 15.20 13.71
CA VAL A 67 9.61 13.85 13.54
C VAL A 67 8.13 14.01 13.83
N GLU A 68 7.28 13.42 12.98
CA GLU A 68 5.82 13.47 13.12
C GLU A 68 5.13 12.28 12.56
N HIS A 69 5.77 11.54 11.62
CA HIS A 69 5.17 10.42 10.93
C HIS A 69 5.78 9.08 11.20
N PHE A 70 4.90 8.08 11.31
CA PHE A 70 5.21 6.66 11.51
C PHE A 70 3.89 5.96 11.20
N ASN A 71 3.86 4.61 11.31
CA ASN A 71 2.66 3.76 11.24
C ASN A 71 2.96 2.40 11.87
N GLU A 72 1.94 1.59 12.13
CA GLU A 72 2.05 0.29 12.78
C GLU A 72 2.76 -0.79 11.94
N LYS A 73 2.88 -0.61 10.61
CA LYS A 73 3.54 -1.60 9.78
C LYS A 73 5.03 -1.30 9.74
N LEU A 74 5.34 -0.05 9.45
CA LEU A 74 6.69 0.47 9.34
C LEU A 74 7.43 0.57 10.66
N SER A 75 6.76 1.06 11.72
CA SER A 75 7.33 1.33 13.02
C SER A 75 6.67 0.49 14.15
N PRO A 76 6.75 -0.87 14.09
CA PRO A 76 6.12 -1.69 15.13
C PRO A 76 6.55 -1.41 16.59
N ASN A 77 7.88 -1.34 16.83
CA ASN A 77 8.44 -1.07 18.15
C ASN A 77 8.01 0.26 18.69
N LEU A 78 8.04 1.32 17.87
CA LEU A 78 7.58 2.65 18.27
C LEU A 78 6.10 2.61 18.63
N PHE A 79 5.30 1.82 17.84
CA PHE A 79 3.86 1.66 17.99
C PHE A 79 3.53 0.94 19.30
N ARG A 80 4.20 -0.18 19.61
CA ARG A 80 3.97 -0.86 20.89
C ARG A 80 4.35 0.09 22.05
N LEU A 81 5.53 0.70 21.96
CA LEU A 81 5.97 1.64 22.98
C LEU A 81 4.89 2.68 23.32
N LEU A 82 4.30 3.33 22.28
CA LEU A 82 3.23 4.34 22.42
C LEU A 82 1.99 3.75 23.04
N THR A 83 1.64 2.52 22.66
CA THR A 83 0.46 1.81 23.16
C THR A 83 0.53 1.57 24.65
N ASP A 84 1.64 0.91 25.11
CA ASP A 84 1.95 0.58 26.48
C ASP A 84 1.97 1.85 27.36
N PHE A 85 2.34 3.00 26.78
CA PHE A 85 2.34 4.28 27.49
C PHE A 85 0.97 4.95 27.45
N GLY A 86 -0.02 4.24 26.85
CA GLY A 86 -1.40 4.69 26.70
C GLY A 86 -1.55 5.90 25.80
N ILE A 87 -0.78 5.93 24.70
CA ILE A 87 -0.80 7.04 23.76
C ILE A 87 -1.50 6.62 22.47
N GLY A 88 -2.50 7.39 22.10
CA GLY A 88 -3.27 7.14 20.90
C GLY A 88 -2.60 7.71 19.66
N THR A 89 -2.98 7.17 18.50
CA THR A 89 -2.47 7.57 17.20
C THR A 89 -3.63 7.87 16.27
N TYR A 90 -3.44 8.71 15.29
CA TYR A 90 -4.47 9.01 14.32
C TYR A 90 -3.93 9.01 12.91
N VAL A 91 -4.82 8.86 11.92
CA VAL A 91 -4.39 8.82 10.53
C VAL A 91 -4.26 10.24 9.97
N ALA A 92 -3.05 10.56 9.49
CA ALA A 92 -2.73 11.84 8.86
C ALA A 92 -2.25 11.48 7.44
N PRO A 93 -3.20 11.31 6.47
CA PRO A 93 -2.80 10.90 5.12
C PRO A 93 -1.86 11.90 4.47
N SER A 94 -0.86 11.39 3.69
CA SER A 94 0.12 12.18 2.97
C SER A 94 -0.40 12.76 1.62
N SER A 95 -1.39 13.66 1.72
CA SER A 95 -1.93 14.40 0.58
C SER A 95 -0.81 15.40 0.16
N VAL A 96 -0.48 15.44 -1.15
CA VAL A 96 0.60 16.28 -1.69
C VAL A 96 0.15 17.15 -2.87
N HIS A 97 0.43 18.46 -2.85
CA HIS A 97 0.14 19.34 -4.00
C HIS A 97 1.43 20.07 -4.38
N VAL A 98 1.77 20.10 -5.67
CA VAL A 98 3.02 20.72 -6.15
C VAL A 98 2.74 21.87 -7.05
N ASP A 99 3.24 23.05 -6.67
CA ASP A 99 3.06 24.28 -7.44
C ASP A 99 4.34 24.79 -8.02
N PHE A 100 4.28 25.14 -9.31
CA PHE A 100 5.34 25.70 -10.12
C PHE A 100 4.91 27.05 -10.76
N PRO A 101 5.88 27.88 -11.20
CA PRO A 101 5.58 29.25 -11.63
C PRO A 101 4.44 29.55 -12.64
N GLY A 102 4.26 28.80 -13.72
CA GLY A 102 3.21 29.14 -14.68
C GLY A 102 1.75 29.12 -14.21
N GLU A 103 0.83 29.32 -15.19
CA GLU A 103 -0.64 29.28 -14.98
C GLU A 103 -1.10 27.83 -14.97
N GLN A 104 -1.75 27.38 -13.88
CA GLN A 104 -2.20 26.00 -13.67
C GLN A 104 -1.07 24.95 -13.71
N GLN A 105 0.20 25.39 -13.45
CA GLN A 105 1.42 24.56 -13.47
C GLN A 105 1.61 23.74 -12.19
N SER A 106 0.68 22.78 -11.97
CA SER A 106 0.68 21.99 -10.76
C SER A 106 0.26 20.56 -10.98
N TRP A 107 0.36 19.75 -9.89
CA TRP A 107 -0.10 18.38 -9.79
C TRP A 107 -0.31 18.02 -8.32
N ASN A 108 -1.19 17.05 -8.03
CA ASN A 108 -1.47 16.54 -6.70
C ASN A 108 -1.83 15.06 -6.71
N ASN A 109 -1.71 14.36 -5.55
CA ASN A 109 -2.04 12.93 -5.47
C ASN A 109 -3.47 12.67 -5.00
N LEU A 110 -4.36 13.68 -5.12
CA LEU A 110 -5.75 13.52 -4.71
C LEU A 110 -6.69 13.50 -5.93
N ASP A 111 -6.41 14.35 -6.94
CA ASP A 111 -7.20 14.44 -8.17
C ASP A 111 -6.25 14.46 -9.40
N PHE A 112 -6.81 14.47 -10.62
CA PHE A 112 -6.00 14.52 -11.85
C PHE A 112 -5.92 15.90 -12.49
N LEU A 113 -6.15 16.96 -11.71
CA LEU A 113 -6.03 18.30 -12.27
C LEU A 113 -4.58 18.80 -12.31
N GLY A 114 -4.36 19.80 -13.16
CA GLY A 114 -3.07 20.48 -13.35
C GLY A 114 -2.33 20.19 -14.64
N GLU A 115 -1.62 21.23 -15.13
CA GLU A 115 -0.83 21.17 -16.36
C GLU A 115 0.34 20.21 -16.23
N LEU A 116 1.01 20.21 -15.06
CA LEU A 116 2.10 19.26 -14.83
C LEU A 116 1.55 17.85 -14.83
N ARG A 117 0.35 17.62 -14.23
CA ARG A 117 -0.32 16.32 -14.27
C ARG A 117 -0.53 15.87 -15.72
N GLU A 118 -0.98 16.79 -16.61
CA GLU A 118 -1.20 16.49 -18.02
C GLU A 118 0.11 16.11 -18.70
N GLU A 119 1.13 16.94 -18.49
CA GLU A 119 2.49 16.80 -19.01
C GLU A 119 3.17 15.53 -18.51
N LEU A 120 2.91 15.13 -17.26
CA LEU A 120 3.63 14.03 -16.64
C LEU A 120 2.84 12.75 -16.22
N HIS A 121 1.51 12.66 -16.46
CA HIS A 121 0.72 11.50 -16.03
C HIS A 121 1.29 10.18 -16.44
N GLU A 122 1.72 10.05 -17.70
CA GLU A 122 2.26 8.80 -18.24
C GLU A 122 3.50 8.32 -17.53
N GLU A 123 4.37 9.25 -17.10
CA GLU A 123 5.62 8.93 -16.36
C GLU A 123 5.36 8.57 -14.88
N PHE A 124 4.37 9.24 -14.22
CA PHE A 124 3.94 8.97 -12.84
C PHE A 124 3.48 7.47 -12.80
N ASP A 125 2.71 7.09 -13.84
CA ASP A 125 2.10 5.81 -14.02
C ASP A 125 3.14 4.74 -14.28
N ARG A 126 4.11 5.01 -15.17
CA ARG A 126 5.18 4.07 -15.48
C ARG A 126 6.06 3.86 -14.26
N PHE A 127 6.34 4.97 -13.52
CA PHE A 127 7.17 4.98 -12.33
C PHE A 127 6.67 4.00 -11.26
N HIS A 128 5.36 4.09 -10.91
CA HIS A 128 4.71 3.22 -9.92
C HIS A 128 4.85 1.73 -10.24
N GLN A 129 4.75 1.36 -11.52
CA GLN A 129 4.88 -0.04 -11.96
C GLN A 129 6.31 -0.48 -11.73
N GLU A 130 7.27 0.29 -12.27
CA GLU A 130 8.71 0.02 -12.16
C GLU A 130 9.18 -0.09 -10.69
N MSE A 131 8.65 0.80 -9.82
CA MSE A 131 8.98 0.79 -8.40
C MSE A 131 8.52 -0.45 -7.72
O MSE A 131 9.31 -1.05 -7.03
CB MSE A 131 8.44 2.02 -7.69
CG MSE A 131 9.31 3.25 -7.93
SE MSE A 131 11.29 2.95 -8.01
CE MSE A 131 11.54 2.79 -9.96
N ASN A 132 7.28 -0.86 -7.98
CA ASN A 132 6.65 -2.06 -7.40
C ASN A 132 7.30 -3.36 -7.84
N GLN A 133 7.69 -3.48 -9.11
CA GLN A 133 8.33 -4.68 -9.63
C GLN A 133 9.79 -4.77 -9.20
N LEU A 134 10.37 -3.67 -8.69
CA LEU A 134 11.79 -3.63 -8.33
C LEU A 134 12.21 -4.45 -7.07
N PRO A 135 11.65 -4.34 -5.83
CA PRO A 135 12.22 -5.14 -4.71
C PRO A 135 12.26 -6.64 -4.95
N THR A 136 11.41 -7.13 -5.87
CA THR A 136 11.31 -8.52 -6.25
C THR A 136 12.12 -8.86 -7.52
N SER A 137 12.91 -7.91 -8.08
CA SER A 137 13.74 -8.17 -9.27
C SER A 137 14.85 -9.21 -9.02
N LYS A 143 20.83 -3.52 -7.21
CA LYS A 143 20.74 -2.09 -7.55
C LYS A 143 21.19 -1.19 -6.39
N GLN A 144 22.52 -0.86 -6.36
CA GLN A 144 23.19 0.04 -5.40
C GLN A 144 23.54 1.37 -6.13
N MSE A 145 22.50 1.94 -6.79
CA MSE A 145 22.54 3.15 -7.58
C MSE A 145 21.61 4.21 -7.06
O MSE A 145 20.74 3.90 -6.24
CB MSE A 145 22.19 2.85 -9.04
CG MSE A 145 20.79 2.31 -9.25
SE MSE A 145 20.37 2.22 -11.16
CE MSE A 145 20.30 0.30 -11.37
N SER A 146 21.76 5.45 -7.53
CA SER A 146 20.92 6.51 -7.04
C SER A 146 19.59 6.52 -7.77
N ILE A 147 18.61 7.22 -7.19
CA ILE A 147 17.32 7.36 -7.83
C ILE A 147 17.55 8.11 -9.16
N GLY A 148 18.41 9.15 -9.14
CA GLY A 148 18.80 9.95 -10.31
C GLY A 148 19.35 9.12 -11.46
N GLU A 149 20.30 8.20 -11.19
CA GLU A 149 20.92 7.28 -12.16
C GLU A 149 19.84 6.44 -12.78
N TYR A 150 18.92 5.86 -11.94
CA TYR A 150 17.82 5.05 -12.45
C TYR A 150 16.99 5.88 -13.43
N LEU A 151 16.54 7.07 -12.99
CA LEU A 151 15.68 7.94 -13.78
C LEU A 151 16.27 8.23 -15.12
N ASP A 152 17.57 8.49 -15.17
CA ASP A 152 18.32 8.76 -16.40
C ASP A 152 18.40 7.49 -17.27
N LYS A 153 18.85 6.36 -16.69
CA LYS A 153 18.94 5.13 -17.45
C LYS A 153 17.57 4.62 -17.91
N HIS A 154 16.46 5.04 -17.29
CA HIS A 154 15.16 4.52 -17.72
C HIS A 154 14.28 5.58 -18.44
N GLY A 155 14.97 6.48 -19.13
CA GLY A 155 14.42 7.51 -20.01
C GLY A 155 13.42 8.51 -19.49
N TYR A 156 13.43 8.78 -18.17
CA TYR A 156 12.49 9.76 -17.59
C TYR A 156 12.93 11.17 -17.92
N SER A 157 11.96 12.04 -18.24
CA SER A 157 12.21 13.45 -18.59
C SER A 157 12.87 14.20 -17.43
N LYS A 158 13.62 15.29 -17.73
CA LYS A 158 14.25 16.12 -16.72
C LYS A 158 13.11 16.84 -15.97
N SER A 159 11.96 17.05 -16.68
CA SER A 159 10.75 17.64 -16.10
C SER A 159 10.23 16.76 -14.99
N PHE A 160 10.14 15.45 -15.23
CA PHE A 160 9.71 14.50 -14.21
C PHE A 160 10.66 14.58 -13.03
N LYS A 161 11.96 14.49 -13.31
CA LYS A 161 13.05 14.50 -12.34
C LYS A 161 12.99 15.70 -11.41
N TYR A 162 12.75 16.89 -11.93
CA TYR A 162 12.81 18.05 -11.08
C TYR A 162 11.46 18.62 -10.68
N LYS A 163 10.39 18.31 -11.45
CA LYS A 163 9.04 18.82 -11.16
C LYS A 163 8.16 17.82 -10.42
N ALA A 164 8.50 16.52 -10.44
CA ALA A 164 7.72 15.47 -9.76
C ALA A 164 8.54 14.70 -8.73
N MSE A 165 9.60 14.03 -9.19
CA MSE A 165 10.45 13.24 -8.34
C MSE A 165 11.07 14.01 -7.17
O MSE A 165 10.91 13.64 -6.02
CB MSE A 165 11.54 12.56 -9.18
CG MSE A 165 12.16 11.41 -8.44
SE MSE A 165 10.82 10.06 -7.99
CE MSE A 165 11.59 9.43 -6.44
N ASN A 166 11.79 15.07 -7.48
CA ASN A 166 12.45 15.88 -6.49
C ASN A 166 11.46 16.49 -5.50
N PRO A 167 10.34 17.17 -5.90
CA PRO A 167 9.38 17.65 -4.89
C PRO A 167 8.82 16.55 -3.98
N ILE A 168 8.35 15.41 -4.51
CA ILE A 168 7.77 14.36 -3.66
C ILE A 168 8.80 13.89 -2.64
N LEU A 169 10.04 13.62 -3.07
CA LEU A 169 11.10 13.17 -2.16
C LEU A 169 11.34 14.17 -1.02
N SER A 170 11.06 15.47 -1.27
CA SER A 170 11.24 16.59 -0.33
C SER A 170 10.54 16.40 1.02
N ILE A 171 9.33 15.78 1.02
CA ILE A 171 8.54 15.54 2.23
C ILE A 171 9.39 15.04 3.42
N TYR A 172 10.27 14.03 3.18
CA TYR A 172 11.08 13.58 4.31
C TYR A 172 12.63 13.62 4.13
N SER A 173 13.13 14.07 2.96
CA SER A 173 14.59 14.18 2.76
C SER A 173 15.10 15.62 2.99
N GLY A 174 14.17 16.57 2.85
CA GLY A 174 14.41 18.00 2.98
C GLY A 174 14.72 18.65 1.65
N CYS A 175 13.95 19.70 1.28
CA CYS A 175 14.06 20.52 0.07
C CYS A 175 15.50 20.78 -0.40
N HIS A 176 16.44 20.87 0.57
CA HIS A 176 17.87 21.11 0.33
C HIS A 176 18.61 19.90 -0.22
N ALA A 177 18.43 18.74 0.39
CA ALA A 177 19.09 17.49 0.09
C ALA A 177 19.27 17.14 -1.39
N PRO A 178 20.41 16.51 -1.77
CA PRO A 178 20.55 15.98 -3.13
C PRO A 178 19.82 14.63 -3.10
N SER A 179 18.47 14.75 -3.01
CA SER A 179 17.52 13.64 -2.87
C SER A 179 17.70 12.67 -4.00
N LEU A 180 18.00 13.19 -5.19
CA LEU A 180 18.22 12.40 -6.38
C LEU A 180 19.47 11.55 -6.29
N ASP A 181 20.32 11.78 -5.29
CA ASP A 181 21.53 11.00 -5.09
C ASP A 181 21.33 9.86 -4.10
N TYR A 182 20.15 9.85 -3.41
CA TYR A 182 19.83 8.85 -2.39
C TYR A 182 19.66 7.50 -2.99
N ASN A 183 19.80 6.45 -2.21
CA ASN A 183 19.74 5.12 -2.75
C ASN A 183 18.42 4.83 -3.46
N LEU A 184 18.41 3.87 -4.35
CA LEU A 184 17.23 3.53 -5.10
C LEU A 184 16.26 2.72 -4.25
N MSE A 185 16.77 1.75 -3.48
CA MSE A 185 15.90 0.89 -2.70
C MSE A 185 14.99 1.63 -1.75
O MSE A 185 13.84 1.24 -1.63
CB MSE A 185 16.66 -0.24 -1.99
CG MSE A 185 16.99 -1.40 -2.94
SE MSE A 185 15.40 -2.11 -3.91
CE MSE A 185 16.27 -2.67 -5.68
N TYR A 186 15.47 2.73 -1.17
CA TYR A 186 14.71 3.58 -0.27
C TYR A 186 13.52 4.21 -1.02
N VAL A 187 13.71 4.56 -2.29
CA VAL A 187 12.62 5.15 -3.07
C VAL A 187 11.64 4.07 -3.51
N ALA A 188 12.20 2.94 -4.03
CA ALA A 188 11.43 1.80 -4.49
C ALA A 188 10.54 1.30 -3.35
N LEU A 189 11.08 1.26 -2.12
CA LEU A 189 10.34 0.81 -0.95
C LEU A 189 9.31 1.83 -0.46
N SER A 190 9.64 3.14 -0.51
CA SER A 190 8.71 4.17 -0.06
C SER A 190 7.45 4.20 -0.92
N PHE A 191 7.60 3.79 -2.19
CA PHE A 191 6.52 3.78 -3.18
C PHE A 191 5.69 2.52 -3.12
N SER A 192 6.35 1.35 -2.95
CA SER A 192 5.65 0.08 -2.86
C SER A 192 4.82 0.02 -1.58
N MSE A 193 5.36 0.56 -0.48
CA MSE A 193 4.70 0.56 0.83
C MSE A 193 3.68 1.66 1.04
O MSE A 193 3.23 1.87 2.17
CB MSE A 193 5.75 0.60 1.94
CG MSE A 193 6.49 -0.71 2.07
SE MSE A 193 8.05 -0.48 3.20
CE MSE A 193 8.90 -2.32 2.92
N ASN A 194 3.31 2.37 -0.04
CA ASN A 194 2.35 3.46 0.00
C ASN A 194 2.75 4.58 1.01
N LEU A 195 4.02 4.97 1.05
CA LEU A 195 4.43 6.05 1.94
C LEU A 195 4.39 7.31 1.10
N LEU A 196 4.83 7.18 -0.17
CA LEU A 196 4.80 8.18 -1.23
C LEU A 196 4.04 7.57 -2.40
N SER A 197 3.22 8.37 -3.09
CA SER A 197 2.42 7.93 -4.21
C SER A 197 1.93 9.14 -4.98
N PHE A 198 1.85 9.02 -6.32
CA PHE A 198 1.38 10.06 -7.22
C PHE A 198 -0.12 9.86 -7.48
N PHE A 199 -0.67 8.70 -7.08
CA PHE A 199 -2.09 8.41 -7.33
C PHE A 199 -2.97 8.38 -6.06
N SER A 200 -2.37 8.17 -4.88
CA SER A 200 -3.11 8.19 -3.62
C SER A 200 -2.30 8.85 -2.47
N ALA A 201 -2.98 9.23 -1.34
CA ALA A 201 -2.31 9.77 -0.14
C ALA A 201 -1.78 8.58 0.65
N GLY A 202 -0.59 8.72 1.21
CA GLY A 202 0.08 7.64 1.92
C GLY A 202 -0.52 7.40 3.28
N TYR A 203 -0.43 6.15 3.77
CA TYR A 203 -0.97 5.78 5.06
C TYR A 203 0.05 6.13 6.10
N TRP A 204 -0.15 7.28 6.72
CA TRP A 204 0.74 7.80 7.74
C TRP A 204 -0.08 8.05 9.01
N ARG A 205 0.53 7.77 10.16
CA ARG A 205 -0.09 8.02 11.46
C ARG A 205 0.71 9.09 12.21
N LYS A 206 0.02 9.79 13.14
CA LYS A 206 0.61 10.78 14.03
C LYS A 206 0.29 10.36 15.47
N ALA A 207 1.14 10.74 16.46
CA ALA A 207 0.86 10.44 17.88
C ALA A 207 -0.04 11.54 18.42
N GLN A 208 -1.03 11.15 19.25
CA GLN A 208 -1.99 12.13 19.79
C GLN A 208 -1.40 12.93 20.95
N GLY A 209 -1.48 14.24 20.78
CA GLY A 209 -0.88 15.19 21.70
C GLY A 209 0.63 15.33 21.50
N GLY A 210 1.09 15.33 20.25
CA GLY A 210 2.50 15.42 19.89
C GLY A 210 3.27 14.12 20.09
N ILE A 211 4.39 14.02 19.38
CA ILE A 211 5.29 12.88 19.43
C ILE A 211 6.02 12.86 20.80
N HIS A 212 6.21 14.07 21.38
CA HIS A 212 6.88 14.28 22.67
C HIS A 212 6.28 13.47 23.82
N SER A 213 4.96 13.20 23.78
CA SER A 213 4.23 12.44 24.80
C SER A 213 4.94 11.19 25.27
N TYR A 214 5.53 10.42 24.36
CA TYR A 214 6.27 9.20 24.75
C TYR A 214 7.63 9.52 25.37
N LEU A 215 8.20 10.66 25.04
CA LEU A 215 9.50 11.07 25.58
C LEU A 215 9.33 11.61 26.99
N ALA A 216 8.27 12.45 27.18
CA ALA A 216 7.82 13.07 28.42
C ALA A 216 7.62 11.97 29.48
N ARG A 217 7.15 10.80 29.04
CA ARG A 217 6.95 9.65 29.90
C ARG A 217 8.29 9.02 30.24
N ILE A 218 9.13 8.71 29.25
CA ILE A 218 10.48 8.13 29.52
C ILE A 218 11.29 9.05 30.48
N GLU A 219 11.08 10.37 30.33
CA GLU A 219 11.70 11.37 31.17
C GLU A 219 11.32 11.13 32.62
N SER A 220 9.99 11.01 32.90
CA SER A 220 9.47 10.74 34.26
C SER A 220 9.97 9.42 34.79
N ASP A 221 9.85 8.38 33.98
CA ASP A 221 10.31 7.03 34.31
C ASP A 221 11.78 6.98 34.69
N LEU A 222 12.62 7.90 34.15
CA LEU A 222 14.05 7.95 34.46
C LEU A 222 14.35 8.87 35.65
N GLY A 223 13.59 9.94 35.72
CA GLY A 223 13.70 10.92 36.79
C GLY A 223 15.02 11.63 36.85
N GLU A 224 15.78 11.37 37.93
CA GLU A 224 17.05 12.03 38.22
C GLU A 224 18.27 11.44 37.46
N ARG A 225 18.05 10.34 36.70
CA ARG A 225 19.08 9.76 35.84
C ARG A 225 19.32 10.67 34.62
N VAL A 226 18.40 11.60 34.34
CA VAL A 226 18.47 12.50 33.21
C VAL A 226 19.11 13.85 33.58
N ARG A 227 20.12 14.27 32.80
CA ARG A 227 20.79 15.55 32.98
C ARG A 227 20.58 16.42 31.74
N LEU A 228 19.50 17.24 31.72
CA LEU A 228 19.16 18.15 30.61
C LEU A 228 20.15 19.30 30.63
N ASN A 229 20.21 20.11 29.58
CA ASN A 229 21.14 21.24 29.47
C ASN A 229 22.59 20.91 29.91
N THR A 230 23.03 19.67 29.68
CA THR A 230 24.34 19.19 30.07
C THR A 230 25.07 18.61 28.86
N PRO A 231 25.58 19.50 27.94
CA PRO A 231 26.33 18.98 26.79
C PRO A 231 27.61 18.32 27.25
N VAL A 232 27.86 17.11 26.75
CA VAL A 232 29.15 16.46 27.00
C VAL A 232 30.20 17.27 26.21
N GLU A 233 31.40 17.33 26.76
CA GLU A 233 32.51 18.05 26.17
C GLU A 233 33.55 17.04 25.70
N ALA A 234 33.65 15.88 26.37
CA ALA A 234 34.61 14.85 25.98
C ALA A 234 34.39 13.50 26.61
N VAL A 235 34.74 12.45 25.84
CA VAL A 235 34.61 11.06 26.30
C VAL A 235 35.97 10.42 26.14
N VAL A 236 36.63 10.18 27.27
CA VAL A 236 37.99 9.68 27.33
C VAL A 236 38.10 8.26 27.90
N PRO A 237 38.15 7.22 27.04
CA PRO A 237 38.36 5.87 27.59
C PRO A 237 39.72 5.84 28.31
N THR A 238 39.72 5.34 29.55
CA THR A 238 40.90 5.26 30.43
C THR A 238 41.30 3.79 30.68
N GLN A 239 42.44 3.56 31.39
CA GLN A 239 42.93 2.23 31.76
C GLN A 239 41.88 1.58 32.67
N SER A 240 41.37 2.36 33.65
CA SER A 240 40.35 1.99 34.64
C SER A 240 39.00 1.69 33.97
N GLY A 241 38.38 2.73 33.38
CA GLY A 241 37.09 2.63 32.68
C GLY A 241 36.99 3.61 31.53
N VAL A 242 36.03 4.55 31.64
CA VAL A 242 35.79 5.63 30.68
C VAL A 242 35.54 6.90 31.51
N THR A 243 35.89 8.06 30.96
CA THR A 243 35.73 9.33 31.66
C THR A 243 34.96 10.28 30.78
N VAL A 244 33.88 10.81 31.32
CA VAL A 244 33.00 11.73 30.62
C VAL A 244 33.16 13.10 31.24
N LEU A 245 33.40 14.10 30.40
CA LEU A 245 33.52 15.46 30.87
C LEU A 245 32.30 16.16 30.42
N ALA A 246 31.36 16.36 31.35
CA ALA A 246 30.07 16.98 31.08
C ALA A 246 29.69 18.07 32.08
N GLY A 247 29.28 19.23 31.56
CA GLY A 247 28.89 20.37 32.38
C GLY A 247 29.90 20.80 33.44
N GLY A 248 31.17 20.84 33.05
CA GLY A 248 32.28 21.21 33.92
C GLY A 248 32.53 20.28 35.08
N GLN A 249 32.43 18.97 34.86
CA GLN A 249 32.66 17.96 35.91
C GLN A 249 33.20 16.69 35.29
N GLU A 250 33.93 15.88 36.05
CA GLU A 250 34.46 14.62 35.52
C GLU A 250 33.59 13.49 36.05
N HIS A 251 33.20 12.55 35.19
CA HIS A 251 32.31 11.47 35.58
C HIS A 251 32.93 10.11 35.28
N HIS A 252 32.79 9.14 36.19
CA HIS A 252 33.43 7.83 35.96
C HIS A 252 32.45 6.74 35.59
N PHE A 253 32.62 6.14 34.39
CA PHE A 253 31.74 5.08 33.90
C PHE A 253 32.53 3.86 33.40
N ASP A 254 31.86 2.71 33.38
CA ASP A 254 32.39 1.42 32.93
C ASP A 254 32.15 1.24 31.41
N GLN A 255 31.01 1.80 30.90
CA GLN A 255 30.60 1.78 29.49
C GLN A 255 30.01 3.15 29.11
N VAL A 256 30.08 3.52 27.81
CA VAL A 256 29.50 4.77 27.28
C VAL A 256 28.80 4.50 25.97
N VAL A 257 27.52 4.89 25.90
CA VAL A 257 26.69 4.71 24.73
C VAL A 257 26.44 6.07 24.08
N PHE A 258 26.83 6.18 22.79
CA PHE A 258 26.68 7.37 21.99
C PHE A 258 25.42 7.29 21.12
N ALA A 259 24.47 8.20 21.36
CA ALA A 259 23.23 8.32 20.62
C ALA A 259 23.18 9.70 19.98
N THR A 260 24.38 10.21 19.65
CA THR A 260 24.62 11.47 18.95
C THR A 260 25.08 11.18 17.50
N HIS A 261 24.85 12.16 16.59
CA HIS A 261 25.26 12.09 15.19
C HIS A 261 26.78 11.85 15.13
N ALA A 262 27.22 10.98 14.21
CA ALA A 262 28.61 10.57 14.04
C ALA A 262 29.64 11.75 14.08
N ASP A 263 29.28 12.91 13.49
CA ASP A 263 30.18 14.04 13.54
C ASP A 263 30.39 14.53 14.98
N VAL A 264 29.28 14.60 15.77
CA VAL A 264 29.25 14.98 17.19
C VAL A 264 30.02 13.91 17.97
N THR A 265 29.72 12.62 17.73
CA THR A 265 30.41 11.51 18.37
C THR A 265 31.94 11.65 18.24
N LEU A 266 32.44 11.93 17.04
CA LEU A 266 33.88 12.08 16.80
C LEU A 266 34.51 13.27 17.54
N ARG A 267 33.88 14.45 17.47
CA ARG A 267 34.30 15.68 18.15
C ARG A 267 34.38 15.49 19.67
N LEU A 268 33.52 14.63 20.23
CA LEU A 268 33.47 14.34 21.65
C LEU A 268 34.44 13.27 22.00
N LEU A 269 34.67 12.33 21.07
CA LEU A 269 35.57 11.23 21.31
C LEU A 269 37.02 11.69 21.25
N ARG A 270 37.81 11.16 22.19
CA ARG A 270 39.25 11.40 22.41
C ARG A 270 39.85 10.02 22.67
N THR A 271 40.37 9.39 21.58
CA THR A 271 40.85 8.00 21.64
C THR A 271 42.31 7.79 21.20
N SER A 272 42.83 8.60 20.22
CA SER A 272 44.20 8.51 19.64
C SER A 272 44.35 7.27 18.66
N ASP A 273 43.22 6.83 18.05
CA ASP A 273 43.16 5.75 17.07
C ASP A 273 42.56 6.35 15.78
N GLN A 274 43.39 6.39 14.70
CA GLN A 274 43.03 6.90 13.36
C GLN A 274 41.74 6.28 12.78
N GLN A 275 41.52 4.96 13.01
CA GLN A 275 40.37 4.14 12.61
C GLN A 275 39.05 4.86 12.96
N TYR A 276 38.96 5.38 14.20
CA TYR A 276 37.81 6.16 14.66
C TYR A 276 37.46 7.32 13.71
N ARG A 277 38.47 8.10 13.25
CA ARG A 277 38.28 9.21 12.29
C ARG A 277 37.82 8.67 10.95
N ASP A 278 38.35 7.50 10.55
CA ASP A 278 37.97 6.87 9.28
C ASP A 278 36.51 6.48 9.25
N LEU A 279 36.05 5.81 10.32
CA LEU A 279 34.67 5.35 10.46
C LEU A 279 33.66 6.47 10.81
N LEU A 280 34.07 7.50 11.60
CA LEU A 280 33.14 8.55 12.02
C LEU A 280 33.22 9.86 11.22
N GLY A 281 34.35 10.11 10.58
CA GLY A 281 34.49 11.28 9.71
C GLY A 281 33.79 10.98 8.41
N ASP A 282 33.74 11.97 7.49
CA ASP A 282 33.13 11.80 6.16
C ASP A 282 31.58 11.54 6.15
N PHE A 283 30.88 11.54 7.31
CA PHE A 283 29.43 11.40 7.38
C PHE A 283 28.81 12.69 6.88
N ALA A 284 27.95 12.62 5.86
CA ALA A 284 27.34 13.81 5.25
C ALA A 284 25.98 14.14 5.80
N TYR A 285 25.73 15.43 5.97
CA TYR A 285 24.44 15.88 6.49
C TYR A 285 23.81 16.95 5.61
N VAL A 286 22.57 17.29 5.89
CA VAL A 286 21.79 18.25 5.14
C VAL A 286 21.09 19.15 6.16
N PRO A 287 21.35 20.47 6.08
CA PRO A 287 20.64 21.39 6.96
C PRO A 287 19.13 21.42 6.67
N VAL A 288 18.34 21.55 7.74
CA VAL A 288 16.88 21.67 7.69
C VAL A 288 16.47 22.78 8.64
N GLU A 289 15.60 23.65 8.17
CA GLU A 289 15.06 24.70 9.01
C GLU A 289 13.56 24.54 9.11
N SER A 290 13.05 24.21 10.29
CA SER A 290 11.61 24.08 10.49
C SER A 290 11.12 25.45 10.96
N VAL A 291 10.04 25.95 10.41
CA VAL A 291 9.50 27.27 10.78
C VAL A 291 8.02 27.12 11.10
N LEU A 292 7.69 27.19 12.39
CA LEU A 292 6.31 27.12 12.86
C LEU A 292 5.72 28.51 12.74
N HIS A 293 4.81 28.71 11.77
CA HIS A 293 4.26 30.03 11.55
C HIS A 293 2.74 30.02 11.25
N GLN A 294 2.17 31.23 11.10
CA GLN A 294 0.74 31.40 10.81
C GLN A 294 0.51 32.39 9.66
N ASP A 295 1.40 32.40 8.68
CA ASP A 295 1.29 33.30 7.52
C ASP A 295 0.67 32.51 6.33
N GLU A 296 -0.66 32.60 6.23
CA GLU A 296 -1.53 31.92 5.30
C GLU A 296 -1.20 32.19 3.84
N SER A 297 -0.24 33.10 3.57
CA SER A 297 0.18 33.41 2.20
C SER A 297 1.06 32.29 1.64
N TRP A 298 1.31 31.24 2.45
CA TRP A 298 2.11 30.09 2.08
C TRP A 298 1.26 28.92 1.57
N LEU A 299 -0.05 29.01 1.80
CA LEU A 299 -1.00 28.03 1.35
C LEU A 299 -1.21 28.13 -0.14
N SER A 300 -1.43 27.00 -0.79
CA SER A 300 -1.66 26.94 -2.22
C SER A 300 -3.05 27.46 -2.56
N PRO A 301 -3.14 28.36 -3.56
CA PRO A 301 -4.46 28.88 -3.96
C PRO A 301 -5.37 27.80 -4.56
N ALA A 302 -4.77 26.67 -5.01
CA ALA A 302 -5.45 25.55 -5.64
C ALA A 302 -5.37 24.25 -4.87
N GLY A 303 -4.33 24.08 -4.08
CA GLY A 303 -4.16 22.86 -3.30
C GLY A 303 -4.12 23.10 -1.81
N GLY A 304 -4.81 24.13 -1.37
CA GLY A 304 -4.86 24.51 0.05
C GLY A 304 -5.55 23.50 0.96
N GLY A 305 -5.96 22.36 0.39
CA GLY A 305 -6.63 21.28 1.09
C GLY A 305 -5.77 20.05 1.28
N ALA A 306 -4.56 20.06 0.70
CA ALA A 306 -3.60 18.96 0.83
C ALA A 306 -2.74 19.21 2.05
N TYR A 307 -2.25 18.13 2.65
CA TYR A 307 -1.40 18.19 3.84
C TYR A 307 0.00 18.77 3.54
N CYS A 308 0.69 18.22 2.52
CA CYS A 308 2.01 18.63 2.06
C CYS A 308 1.90 19.49 0.80
N GLN A 309 2.30 20.76 0.91
CA GLN A 309 2.24 21.70 -0.20
C GLN A 309 3.63 22.20 -0.55
N PHE A 310 4.07 21.98 -1.80
CA PHE A 310 5.38 22.36 -2.34
C PHE A 310 5.23 23.50 -3.28
N ARG A 311 6.11 24.49 -3.15
CA ARG A 311 6.10 25.67 -4.00
C ARG A 311 7.50 26.01 -4.50
N MSE A 312 7.63 26.09 -5.82
CA MSE A 312 8.86 26.50 -6.48
C MSE A 312 8.71 27.96 -6.81
O MSE A 312 7.69 28.36 -7.40
CB MSE A 312 9.09 25.69 -7.76
CG MSE A 312 10.42 26.00 -8.42
SE MSE A 312 11.93 25.47 -7.32
CE MSE A 312 12.18 23.53 -7.84
N PRO A 313 9.68 28.81 -6.41
CA PRO A 313 9.54 30.26 -6.64
C PRO A 313 9.74 30.65 -8.10
N GLU A 314 9.37 31.92 -8.46
CA GLU A 314 9.53 32.45 -9.82
C GLU A 314 11.01 32.38 -10.31
N GLY A 315 11.17 32.30 -11.62
CA GLY A 315 12.48 32.22 -12.27
C GLY A 315 13.17 30.88 -12.06
N PHE A 316 12.40 29.78 -12.04
CA PHE A 316 12.95 28.42 -11.90
C PHE A 316 13.54 28.10 -13.26
N GLU A 317 14.69 27.46 -13.34
CA GLU A 317 15.20 27.17 -14.67
C GLU A 317 15.45 25.74 -14.78
N LEU A 318 14.72 25.06 -15.65
CA LEU A 318 14.87 23.60 -15.74
C LEU A 318 16.33 23.16 -15.98
N ALA A 319 17.16 24.01 -16.64
CA ALA A 319 18.55 23.67 -16.89
C ALA A 319 19.42 23.92 -15.67
N ARG A 320 19.06 24.90 -14.85
CA ARG A 320 19.76 25.24 -13.61
C ARG A 320 19.06 24.56 -12.40
N ALA A 321 18.20 23.57 -12.65
CA ALA A 321 17.37 22.83 -11.67
C ALA A 321 18.09 22.31 -10.42
N GLU A 322 19.38 21.97 -10.53
CA GLU A 322 20.22 21.48 -9.42
C GLU A 322 20.50 22.62 -8.44
N GLU A 323 20.57 23.85 -8.95
CA GLU A 323 20.84 25.03 -8.14
C GLU A 323 19.61 25.57 -7.42
N GLN A 324 18.43 25.54 -8.04
CA GLN A 324 17.21 26.06 -7.39
C GLN A 324 16.51 25.02 -6.52
N MSE A 325 16.09 25.42 -5.31
CA MSE A 325 15.37 24.58 -4.35
C MSE A 325 14.02 25.20 -4.09
O MSE A 325 13.91 26.42 -4.05
CB MSE A 325 16.13 24.42 -3.02
CG MSE A 325 17.38 23.53 -3.07
SE MSE A 325 17.36 21.99 -4.36
CE MSE A 325 19.29 21.52 -4.35
N GLY A 326 12.99 24.37 -3.91
CA GLY A 326 11.65 24.83 -3.57
C GLY A 326 11.43 24.81 -2.08
N SER A 327 10.25 25.22 -1.64
CA SER A 327 9.93 25.18 -0.22
C SER A 327 8.70 24.28 0.04
N LEU A 328 8.75 23.48 1.14
CA LEU A 328 7.69 22.59 1.59
C LEU A 328 6.93 23.12 2.82
N THR A 329 5.63 23.38 2.64
CA THR A 329 4.71 23.82 3.71
C THR A 329 3.86 22.61 4.11
N ARG A 330 3.47 22.57 5.38
CA ARG A 330 2.66 21.52 5.96
C ARG A 330 1.40 22.18 6.54
N ASN A 331 0.25 21.89 5.92
CA ASN A 331 -1.04 22.47 6.32
C ASN A 331 -1.62 21.68 7.48
N CYS A 332 -1.27 22.09 8.70
CA CYS A 332 -1.73 21.41 9.91
C CYS A 332 -3.23 21.48 10.09
N ASN A 333 -3.89 22.55 9.58
CA ASN A 333 -5.34 22.67 9.75
C ASN A 333 -6.09 21.52 9.07
N VAL A 334 -5.43 20.80 8.19
CA VAL A 334 -6.03 19.64 7.50
C VAL A 334 -6.02 18.36 8.39
N LEU A 335 -5.26 18.38 9.51
CA LEU A 335 -5.20 17.25 10.44
C LEU A 335 -6.54 17.16 11.14
N HIS A 336 -7.10 15.94 11.27
CA HIS A 336 -8.42 15.70 11.86
C HIS A 336 -8.57 16.32 13.27
N PRO A 337 -7.66 16.15 14.26
CA PRO A 337 -7.84 16.86 15.54
C PRO A 337 -7.89 18.38 15.44
N TYR A 338 -7.26 18.97 14.41
CA TYR A 338 -7.19 20.43 14.24
C TYR A 338 -8.37 20.96 13.41
N ARG A 339 -9.43 20.15 13.22
CA ARG A 339 -10.56 20.51 12.36
C ARG A 339 -11.47 21.61 12.90
N LYS A 340 -11.61 21.72 14.22
CA LYS A 340 -12.49 22.75 14.80
C LYS A 340 -11.78 24.11 14.96
N VAL A 341 -10.42 24.11 14.92
CA VAL A 341 -9.58 25.30 15.09
C VAL A 341 -9.89 26.40 14.05
N SER A 342 -9.53 27.66 14.38
CA SER A 342 -9.76 28.82 13.50
C SER A 342 -8.50 29.65 13.21
N SER A 343 -7.38 29.37 13.93
CA SER A 343 -6.10 30.04 13.70
C SER A 343 -5.24 29.16 12.76
N PRO A 344 -4.65 29.73 11.65
CA PRO A 344 -3.82 28.90 10.75
C PRO A 344 -2.61 28.28 11.46
N ILE A 345 -2.32 27.01 11.18
CA ILE A 345 -1.15 26.30 11.74
C ILE A 345 -0.32 25.74 10.60
N LEU A 346 0.77 26.43 10.27
CA LEU A 346 1.61 26.03 9.17
C LEU A 346 3.02 25.72 9.64
N ILE A 347 3.70 24.83 8.91
CA ILE A 347 5.11 24.52 9.15
C ILE A 347 5.81 24.59 7.81
N THR A 348 6.70 25.57 7.62
CA THR A 348 7.44 25.66 6.37
C THR A 348 8.85 25.21 6.61
N PHE A 349 9.30 24.23 5.85
CA PHE A 349 10.66 23.78 5.96
C PHE A 349 11.48 24.51 4.91
N ASP A 350 12.61 25.11 5.34
CA ASP A 350 13.60 25.84 4.56
C ASP A 350 12.91 26.85 3.64
N PRO A 351 12.21 27.84 4.18
CA PRO A 351 11.49 28.78 3.31
C PRO A 351 12.39 29.57 2.37
N GLN A 352 12.12 29.50 1.06
CA GLN A 352 12.93 30.24 0.07
C GLN A 352 12.50 31.68 0.10
N GLU A 353 11.20 31.95 -0.07
CA GLU A 353 10.67 33.31 0.03
C GLU A 353 10.52 33.74 1.52
N ASP A 354 10.20 35.03 1.72
CA ASP A 354 10.00 35.67 3.02
C ASP A 354 8.75 35.17 3.74
N VAL A 355 8.89 34.84 5.02
CA VAL A 355 7.81 34.43 5.92
C VAL A 355 7.67 35.56 6.96
N ASP A 356 6.46 36.14 7.06
CA ASP A 356 6.14 37.27 7.94
C ASP A 356 6.57 37.03 9.39
N PRO A 357 7.55 37.85 9.87
CA PRO A 357 8.04 37.71 11.24
C PRO A 357 7.00 37.95 12.32
N GLU A 358 5.96 38.73 11.99
CA GLU A 358 4.79 39.00 12.84
C GLU A 358 4.00 37.69 13.06
N ARG A 359 4.02 36.78 12.05
CA ARG A 359 3.26 35.53 12.10
C ARG A 359 4.09 34.30 12.47
N VAL A 360 5.40 34.48 12.74
CA VAL A 360 6.30 33.36 13.09
C VAL A 360 6.25 33.03 14.55
N ILE A 361 5.77 31.81 14.91
CA ILE A 361 5.74 31.30 16.30
C ILE A 361 7.16 30.96 16.76
N VAL A 362 7.85 30.06 16.04
CA VAL A 362 9.21 29.59 16.37
C VAL A 362 9.94 28.97 15.14
N ARG A 363 11.29 28.79 15.24
CA ARG A 363 12.17 28.21 14.21
C ARG A 363 13.04 27.13 14.83
N ARG A 364 13.43 26.14 14.07
CA ARG A 364 14.33 25.09 14.56
C ARG A 364 15.39 24.79 13.53
N GLU A 365 16.62 24.58 13.97
CA GLU A 365 17.70 24.26 13.05
C GLU A 365 18.26 22.89 13.34
N TRP A 366 18.10 21.97 12.39
CA TRP A 366 18.54 20.59 12.53
C TRP A 366 19.34 20.14 11.31
N LYS A 367 19.97 18.96 11.41
CA LYS A 367 20.69 18.37 10.29
C LYS A 367 20.27 16.91 10.11
N LEU A 368 19.95 16.57 8.87
CA LEU A 368 19.52 15.26 8.49
C LEU A 368 20.62 14.51 7.79
N PRO A 369 20.79 13.21 8.03
CA PRO A 369 21.83 12.46 7.30
C PRO A 369 21.44 12.21 5.85
N GLN A 370 22.46 12.15 4.96
CA GLN A 370 22.32 11.82 3.54
C GLN A 370 22.11 10.30 3.40
N LEU A 371 21.43 9.88 2.33
CA LEU A 371 21.11 8.46 2.18
C LEU A 371 21.54 7.90 0.83
N ARG A 372 22.72 8.32 0.36
CA ARG A 372 23.32 7.80 -0.87
C ARG A 372 23.88 6.42 -0.50
N PRO A 373 23.97 5.45 -1.44
CA PRO A 373 24.46 4.10 -1.07
C PRO A 373 25.79 4.05 -0.30
N VAL A 374 26.64 5.08 -0.48
CA VAL A 374 27.93 5.23 0.21
C VAL A 374 27.70 5.48 1.70
N ASP A 375 26.74 6.38 2.00
CA ASP A 375 26.34 6.73 3.36
C ASP A 375 25.80 5.49 4.05
N VAL A 376 24.96 4.70 3.35
CA VAL A 376 24.40 3.45 3.85
C VAL A 376 25.55 2.44 4.16
N ARG A 377 26.56 2.37 3.23
CA ARG A 377 27.73 1.50 3.35
C ARG A 377 28.57 1.92 4.55
N ARG A 378 28.63 3.26 4.88
CA ARG A 378 29.39 3.76 6.05
C ARG A 378 28.75 3.23 7.31
N LYS A 379 27.42 3.46 7.46
CA LYS A 379 26.62 3.06 8.61
C LYS A 379 26.96 1.63 9.01
N LYS A 380 26.89 0.68 8.06
CA LYS A 380 27.12 -0.73 8.31
C LYS A 380 28.51 -1.03 8.88
N ARG A 381 29.56 -0.30 8.39
CA ARG A 381 30.97 -0.45 8.77
C ARG A 381 31.26 -0.17 10.26
N LEU A 382 30.40 0.61 10.94
CA LEU A 382 30.51 0.96 12.37
C LEU A 382 30.52 -0.26 13.29
N HIS A 383 30.14 -1.45 12.78
CA HIS A 383 30.13 -2.71 13.55
C HIS A 383 31.52 -3.02 14.11
N GLU A 384 32.56 -2.46 13.49
CA GLU A 384 33.96 -2.62 13.83
C GLU A 384 34.31 -2.00 15.21
N ILE A 385 33.95 -0.73 15.43
CA ILE A 385 34.26 -0.02 16.68
C ILE A 385 33.22 -0.25 17.83
N GLN A 386 32.23 -1.12 17.61
CA GLN A 386 31.21 -1.38 18.63
C GLN A 386 31.74 -2.29 19.72
N GLY A 387 31.63 -1.83 20.97
CA GLY A 387 32.08 -2.57 22.14
C GLY A 387 33.58 -2.69 22.22
N LEU A 388 34.26 -1.59 21.89
CA LEU A 388 35.69 -1.45 21.89
C LEU A 388 35.98 -0.26 22.72
N ASN A 389 36.90 -0.44 23.69
CA ASN A 389 37.34 0.55 24.68
C ASN A 389 36.13 1.05 25.49
N GLY A 390 35.22 0.11 25.78
CA GLY A 390 34.00 0.36 26.54
C GLY A 390 33.05 1.40 25.96
N LEU A 391 32.98 1.46 24.62
CA LEU A 391 32.13 2.39 23.89
C LEU A 391 31.17 1.63 23.01
N TRP A 392 29.99 2.22 22.75
CA TRP A 392 28.95 1.65 21.91
C TRP A 392 28.27 2.76 21.16
N PHE A 393 27.81 2.47 19.94
CA PHE A 393 27.21 3.47 19.07
C PHE A 393 25.83 3.11 18.58
N CYS A 394 24.89 4.04 18.79
CA CYS A 394 23.51 3.89 18.33
C CYS A 394 23.04 5.23 17.74
N GLY A 395 21.86 5.22 17.15
CA GLY A 395 21.26 6.42 16.56
C GLY A 395 20.97 6.32 15.07
N THR A 396 20.52 7.45 14.52
CA THR A 396 20.13 7.63 13.13
C THR A 396 21.28 7.27 12.16
N ASP A 397 22.54 7.53 12.59
CA ASP A 397 23.75 7.31 11.82
C ASP A 397 24.26 5.87 11.86
N THR A 398 23.73 5.04 12.76
CA THR A 398 24.16 3.65 12.88
C THR A 398 23.07 2.70 12.35
N SER A 399 21.91 3.27 12.01
CA SER A 399 20.76 2.48 11.63
C SER A 399 20.11 2.95 10.33
N VAL A 400 19.04 2.23 9.92
CA VAL A 400 18.19 2.53 8.78
C VAL A 400 17.41 3.81 9.10
N THR A 401 16.87 4.47 8.08
CA THR A 401 16.20 5.75 8.27
C THR A 401 14.89 5.60 9.06
N GLY A 402 14.47 6.71 9.65
CA GLY A 402 13.25 6.82 10.43
C GLY A 402 13.41 6.63 11.91
N HIS A 403 12.39 7.07 12.66
CA HIS A 403 12.28 6.96 14.10
C HIS A 403 12.37 5.54 14.58
N GLU A 404 11.70 4.60 13.90
CA GLU A 404 11.81 3.19 14.24
C GLU A 404 13.29 2.80 14.15
N GLY A 405 13.94 3.05 13.00
CA GLY A 405 15.36 2.77 12.81
C GLY A 405 16.19 3.28 13.99
N ALA A 406 15.95 4.56 14.38
CA ALA A 406 16.59 5.24 15.51
C ALA A 406 16.43 4.49 16.88
N ILE A 407 15.22 4.50 17.51
CA ILE A 407 14.86 3.82 18.77
C ILE A 407 15.15 2.31 18.78
N VAL A 408 15.05 1.63 17.64
CA VAL A 408 15.35 0.20 17.59
C VAL A 408 16.88 -0.02 17.70
N SER A 409 17.72 0.94 17.23
CA SER A 409 19.18 0.81 17.36
C SER A 409 19.59 0.97 18.84
N GLY A 410 18.82 1.80 19.56
CA GLY A 410 18.95 2.03 21.01
C GLY A 410 18.59 0.76 21.76
N MSE A 411 17.61 0.02 21.24
CA MSE A 411 17.16 -1.24 21.78
C MSE A 411 18.22 -2.34 21.57
O MSE A 411 18.43 -3.14 22.49
CB MSE A 411 15.85 -1.67 21.11
CG MSE A 411 14.66 -0.87 21.55
SE MSE A 411 13.05 -1.63 20.83
CE MSE A 411 11.72 -0.27 21.51
N VAL A 412 18.88 -2.36 20.38
CA VAL A 412 19.94 -3.32 20.01
C VAL A 412 21.12 -3.22 20.98
N ILE A 413 21.57 -1.98 21.27
CA ILE A 413 22.65 -1.72 22.22
C ILE A 413 22.24 -2.17 23.62
N ALA A 414 21.03 -1.79 24.07
CA ALA A 414 20.49 -2.18 25.38
C ALA A 414 20.45 -3.70 25.53
N ASP A 415 20.10 -4.43 24.45
CA ASP A 415 20.05 -5.90 24.41
C ASP A 415 21.42 -6.52 24.52
N ARG A 416 22.42 -5.86 23.95
CA ARG A 416 23.80 -6.32 23.98
C ARG A 416 24.37 -6.14 25.40
N LEU A 417 23.76 -5.24 26.17
CA LEU A 417 24.17 -4.99 27.55
C LEU A 417 23.21 -5.68 28.57
N GLY A 418 22.68 -6.84 28.17
CA GLY A 418 21.85 -7.71 29.00
C GLY A 418 20.42 -7.36 29.29
N VAL A 419 19.83 -6.35 28.58
CA VAL A 419 18.42 -5.94 28.71
C VAL A 419 17.71 -6.45 27.41
N PRO A 420 17.15 -7.69 27.37
CA PRO A 420 16.56 -8.19 26.10
C PRO A 420 15.42 -7.36 25.52
N HIS A 421 15.22 -7.47 24.18
CA HIS A 421 14.18 -6.76 23.41
C HIS A 421 12.84 -6.76 24.17
N PRO A 422 12.26 -5.58 24.51
CA PRO A 422 11.08 -5.58 25.39
C PRO A 422 9.81 -6.21 24.84
N PHE A 423 9.71 -6.36 23.50
CA PHE A 423 8.50 -6.91 22.90
C PHE A 423 8.77 -8.11 21.99
N PRO A 424 9.13 -9.29 22.56
CA PRO A 424 9.36 -10.47 21.71
C PRO A 424 8.02 -11.04 21.20
N ASP A 425 6.95 -10.79 21.99
CA ASP A 425 5.58 -11.23 21.75
C ASP A 425 5.07 -10.71 20.42
N ASP A 426 5.30 -9.41 20.16
CA ASP A 426 4.92 -8.71 18.93
C ASP A 426 5.86 -9.21 17.82
N ALA A 427 5.33 -10.08 16.94
CA ALA A 427 6.08 -10.71 15.85
C ALA A 427 6.78 -9.69 14.95
N PRO A 428 6.07 -8.70 14.32
CA PRO A 428 6.77 -7.70 13.50
C PRO A 428 7.82 -6.85 14.21
N ALA A 429 7.60 -6.47 15.50
CA ALA A 429 8.57 -5.70 16.30
C ALA A 429 9.85 -6.51 16.54
N ALA A 430 9.71 -7.83 16.73
CA ALA A 430 10.83 -8.77 16.93
C ALA A 430 11.63 -8.92 15.65
N ALA A 431 10.92 -8.97 14.51
CA ALA A 431 11.49 -9.08 13.18
C ALA A 431 12.33 -7.85 12.84
N GLN A 432 11.83 -6.63 13.19
CA GLN A 432 12.51 -5.34 12.95
C GLN A 432 13.80 -5.32 13.74
N PHE A 433 13.71 -5.60 15.05
CA PHE A 433 14.85 -5.70 15.96
C PHE A 433 15.91 -6.67 15.38
N ARG A 434 15.50 -7.88 14.94
CA ARG A 434 16.38 -8.86 14.33
C ARG A 434 17.06 -8.28 13.07
N GLY A 435 16.32 -7.44 12.33
CA GLY A 435 16.79 -6.79 11.11
C GLY A 435 17.88 -5.77 11.38
N ILE A 436 17.57 -4.79 12.26
CA ILE A 436 18.47 -3.72 12.70
C ILE A 436 19.71 -4.31 13.34
N LYS A 437 19.55 -5.24 14.30
CA LYS A 437 20.66 -5.93 14.93
C LYS A 437 21.59 -6.52 13.85
N GLU A 438 21.00 -7.08 12.79
CA GLU A 438 21.78 -7.65 11.69
C GLU A 438 22.45 -6.54 10.86
N PHE A 439 21.71 -5.45 10.55
CA PHE A 439 22.21 -4.30 9.76
C PHE A 439 23.40 -3.71 10.45
N MSE A 440 23.29 -3.50 11.77
CA MSE A 440 24.30 -2.90 12.62
C MSE A 440 25.51 -3.77 12.85
O MSE A 440 26.53 -3.26 13.31
CB MSE A 440 23.70 -2.54 13.96
CG MSE A 440 22.77 -1.40 13.89
SE MSE A 440 22.15 -1.14 15.66
CE MSE A 440 23.60 -0.05 16.42
N GLY A 441 25.34 -5.06 12.60
CA GLY A 441 26.38 -6.05 12.80
C GLY A 441 26.77 -6.16 14.27
N VAL A 442 25.76 -6.20 15.15
CA VAL A 442 25.94 -6.29 16.60
C VAL A 442 25.36 -7.62 17.16
N THR B 6 -1.10 -40.93 -13.86
CA THR B 6 -1.58 -40.81 -15.24
C THR B 6 -0.52 -40.18 -16.17
N VAL B 7 -0.16 -40.87 -17.27
CA VAL B 7 0.82 -40.38 -18.25
C VAL B 7 0.09 -39.93 -19.51
N VAL B 8 0.28 -38.63 -19.87
CA VAL B 8 -0.33 -38.01 -21.06
C VAL B 8 0.74 -37.69 -22.11
N GLU B 9 0.70 -38.44 -23.21
CA GLU B 9 1.58 -38.32 -24.36
C GLU B 9 1.40 -36.97 -25.08
N ALA B 10 2.41 -36.54 -25.87
CA ALA B 10 2.33 -35.29 -26.61
C ALA B 10 1.43 -35.45 -27.82
N LYS B 11 1.10 -34.33 -28.48
CA LYS B 11 0.24 -34.22 -29.67
C LYS B 11 -1.12 -35.04 -29.48
N SER B 12 -1.66 -35.00 -28.24
CA SER B 12 -2.94 -35.61 -27.89
C SER B 12 -4.09 -34.67 -28.28
N ARG B 13 -5.30 -35.22 -28.49
CA ARG B 13 -6.45 -34.39 -28.85
C ARG B 13 -7.15 -33.90 -27.53
N ILE B 14 -7.04 -32.59 -27.20
CA ILE B 14 -7.57 -32.04 -25.95
C ILE B 14 -8.61 -30.95 -26.17
N ALA B 15 -9.77 -31.08 -25.55
CA ALA B 15 -10.81 -30.05 -25.68
C ALA B 15 -10.79 -29.13 -24.44
N VAL B 16 -11.21 -27.87 -24.63
CA VAL B 16 -11.34 -26.90 -23.57
C VAL B 16 -12.79 -26.41 -23.58
N VAL B 17 -13.53 -26.77 -22.55
CA VAL B 17 -14.92 -26.41 -22.36
C VAL B 17 -14.91 -25.11 -21.53
N GLY B 18 -15.52 -24.06 -22.07
CA GLY B 18 -15.53 -22.74 -21.46
C GLY B 18 -14.36 -21.91 -21.94
N GLY B 19 -14.68 -20.76 -22.48
CA GLY B 19 -13.67 -19.87 -23.03
C GLY B 19 -13.55 -18.53 -22.37
N GLY B 20 -13.56 -18.50 -21.05
CA GLY B 20 -13.34 -17.29 -20.31
C GLY B 20 -11.83 -17.18 -20.14
N GLY B 21 -11.39 -16.28 -19.29
CA GLY B 21 -9.97 -16.07 -18.99
C GLY B 21 -9.17 -17.32 -18.72
N SER B 22 -9.74 -18.26 -17.94
CA SER B 22 -9.02 -19.50 -17.57
C SER B 22 -8.88 -20.46 -18.74
N GLY B 23 -10.00 -20.69 -19.44
CA GLY B 23 -10.07 -21.54 -20.63
C GLY B 23 -9.08 -21.07 -21.68
N SER B 24 -9.28 -19.83 -22.15
CA SER B 24 -8.44 -19.14 -23.11
C SER B 24 -6.92 -19.23 -22.83
N VAL B 25 -6.48 -19.07 -21.56
CA VAL B 25 -5.07 -19.16 -21.22
C VAL B 25 -4.61 -20.60 -21.34
N ALA B 26 -5.41 -21.53 -20.81
CA ALA B 26 -5.14 -22.96 -20.87
C ALA B 26 -5.06 -23.43 -22.33
N ALA B 27 -6.05 -23.06 -23.16
CA ALA B 27 -6.13 -23.39 -24.58
C ALA B 27 -4.92 -22.85 -25.31
N TRP B 28 -4.60 -21.56 -25.08
CA TRP B 28 -3.47 -20.86 -25.67
C TRP B 28 -2.13 -21.54 -25.38
N LEU B 29 -1.88 -21.95 -24.13
CA LEU B 29 -0.62 -22.64 -23.80
C LEU B 29 -0.67 -24.08 -24.28
N LEU B 30 -1.86 -24.72 -24.29
CA LEU B 30 -1.97 -26.12 -24.73
C LEU B 30 -1.87 -26.29 -26.25
N ALA B 31 -2.01 -25.19 -27.04
CA ALA B 31 -1.90 -25.15 -28.51
C ALA B 31 -0.48 -25.51 -28.89
N ARG B 32 0.45 -25.29 -27.97
CA ARG B 32 1.83 -25.74 -28.04
C ARG B 32 1.70 -27.16 -27.50
N ARG B 33 2.51 -28.11 -27.98
CA ARG B 33 2.45 -29.52 -27.52
C ARG B 33 1.21 -30.31 -28.05
N HIS B 34 -0.04 -29.84 -27.86
CA HIS B 34 -1.22 -30.64 -28.25
C HIS B 34 -2.15 -30.01 -29.31
N ASP B 35 -3.10 -30.82 -29.86
CA ASP B 35 -4.10 -30.35 -30.81
C ASP B 35 -5.34 -30.02 -29.99
N VAL B 36 -5.59 -28.73 -29.81
CA VAL B 36 -6.66 -28.30 -28.93
C VAL B 36 -7.82 -27.61 -29.63
N THR B 37 -9.01 -27.76 -29.04
CA THR B 37 -10.24 -27.14 -29.51
C THR B 37 -10.82 -26.43 -28.30
N LEU B 38 -11.30 -25.21 -28.49
CA LEU B 38 -11.88 -24.42 -27.42
C LEU B 38 -13.34 -24.16 -27.75
N PHE B 39 -14.21 -24.72 -26.91
CA PHE B 39 -15.65 -24.55 -27.04
C PHE B 39 -16.11 -23.43 -26.15
N GLU B 40 -16.84 -22.48 -26.70
CA GLU B 40 -17.32 -21.35 -25.92
C GLU B 40 -18.77 -21.08 -26.31
N ALA B 41 -19.66 -21.13 -25.32
CA ALA B 41 -21.09 -20.95 -25.52
C ALA B 41 -21.48 -19.61 -26.15
N ASP B 42 -20.87 -18.50 -25.68
CA ASP B 42 -21.15 -17.14 -26.14
C ASP B 42 -20.31 -16.69 -27.36
N GLU B 43 -20.68 -15.54 -27.95
CA GLU B 43 -20.08 -14.92 -29.14
C GLU B 43 -18.67 -14.29 -28.96
N TYR B 44 -17.95 -14.56 -27.83
CA TYR B 44 -16.65 -13.97 -27.58
C TYR B 44 -15.83 -14.75 -26.56
N LEU B 45 -14.53 -14.41 -26.43
CA LEU B 45 -13.67 -15.01 -25.41
C LEU B 45 -13.59 -14.09 -24.16
N GLY B 46 -13.50 -14.68 -22.98
CA GLY B 46 -13.38 -13.88 -21.76
C GLY B 46 -14.39 -14.06 -20.65
N GLY B 47 -15.63 -14.33 -21.00
CA GLY B 47 -16.70 -14.52 -20.03
C GLY B 47 -16.88 -13.34 -19.11
N HIS B 48 -16.43 -13.47 -17.86
CA HIS B 48 -16.54 -12.36 -16.89
C HIS B 48 -15.71 -11.13 -17.29
N ALA B 49 -14.70 -11.35 -18.17
CA ALA B 49 -13.84 -10.35 -18.78
C ALA B 49 -14.53 -9.86 -20.10
N TYR B 50 -15.44 -8.89 -19.97
CA TYR B 50 -16.20 -8.32 -21.08
C TYR B 50 -16.02 -6.82 -21.11
N SER B 51 -15.72 -6.31 -22.34
CA SER B 51 -15.48 -4.93 -22.69
C SER B 51 -16.46 -4.61 -23.81
N HIS B 52 -17.51 -3.83 -23.50
CA HIS B 52 -18.58 -3.45 -24.42
C HIS B 52 -18.29 -2.18 -25.22
N PRO B 53 -18.36 -2.24 -26.58
CA PRO B 53 -18.08 -1.04 -27.38
C PRO B 53 -19.11 0.06 -27.22
N VAL B 54 -18.63 1.23 -26.79
CA VAL B 54 -19.45 2.43 -26.60
C VAL B 54 -18.98 3.49 -27.59
N GLU B 55 -19.93 4.06 -28.35
CA GLU B 55 -19.64 5.06 -29.35
C GLU B 55 -19.63 6.43 -28.76
N THR B 56 -18.53 7.16 -29.02
CA THR B 56 -18.26 8.49 -28.47
C THR B 56 -17.55 9.40 -29.46
N ASP B 57 -17.43 10.72 -29.11
CA ASP B 57 -16.73 11.76 -29.88
C ASP B 57 -15.26 11.46 -30.06
N GLN B 58 -14.69 10.71 -29.12
CA GLN B 58 -13.28 10.32 -29.13
C GLN B 58 -13.01 9.04 -29.92
N GLY B 59 -14.05 8.29 -30.20
CA GLY B 59 -13.96 7.04 -30.92
C GLY B 59 -14.82 5.97 -30.29
N THR B 60 -14.39 4.71 -30.45
CA THR B 60 -15.09 3.56 -29.87
C THR B 60 -14.31 3.18 -28.68
N LEU B 61 -15.00 3.02 -27.54
CA LEU B 61 -14.38 2.61 -26.28
C LEU B 61 -14.80 1.21 -25.89
N HIS B 62 -13.85 0.41 -25.47
CA HIS B 62 -14.14 -0.94 -24.97
C HIS B 62 -14.23 -0.88 -23.47
N VAL B 63 -15.46 -0.65 -23.00
CA VAL B 63 -15.83 -0.42 -21.61
C VAL B 63 -15.97 -1.72 -20.78
N ASP B 64 -15.08 -1.93 -19.81
CA ASP B 64 -15.07 -3.11 -18.94
C ASP B 64 -16.28 -3.12 -18.00
N MSE B 65 -17.16 -4.12 -18.20
CA MSE B 65 -18.40 -4.31 -17.44
C MSE B 65 -18.34 -5.39 -16.36
O MSE B 65 -19.22 -5.46 -15.51
CB MSE B 65 -19.50 -4.67 -18.40
CG MSE B 65 -20.03 -3.52 -19.15
SE MSE B 65 -21.43 -4.23 -20.26
CE MSE B 65 -22.97 -4.29 -18.91
N GLY B 66 -17.37 -6.29 -16.47
CA GLY B 66 -17.20 -7.38 -15.52
C GLY B 66 -15.88 -7.17 -14.83
N VAL B 67 -14.85 -8.00 -15.20
CA VAL B 67 -13.49 -7.87 -14.69
C VAL B 67 -13.01 -6.48 -15.11
N GLU B 68 -12.43 -5.68 -14.21
CA GLU B 68 -11.93 -4.33 -14.55
C GLU B 68 -10.49 -4.13 -14.06
N HIS B 69 -10.29 -4.40 -12.76
CA HIS B 69 -9.10 -4.17 -11.96
C HIS B 69 -8.28 -5.40 -11.56
N PHE B 70 -6.97 -5.15 -11.49
CA PHE B 70 -5.85 -6.03 -11.17
C PHE B 70 -4.72 -5.02 -10.92
N ASN B 71 -3.51 -5.52 -10.59
CA ASN B 71 -2.26 -4.73 -10.46
C ASN B 71 -1.06 -5.68 -10.57
N GLU B 72 0.15 -5.13 -10.72
CA GLU B 72 1.37 -5.90 -10.90
C GLU B 72 1.84 -6.68 -9.66
N LYS B 73 1.34 -6.31 -8.45
CA LYS B 73 1.75 -7.03 -7.25
C LYS B 73 0.84 -8.23 -7.05
N LEU B 74 -0.46 -7.97 -7.12
CA LEU B 74 -1.53 -8.92 -6.93
C LEU B 74 -1.64 -9.96 -8.04
N SER B 75 -1.55 -9.50 -9.30
CA SER B 75 -1.73 -10.28 -10.52
C SER B 75 -0.47 -10.33 -11.41
N PRO B 76 0.67 -10.90 -10.92
CA PRO B 76 1.91 -10.94 -11.74
C PRO B 76 1.80 -11.63 -13.10
N ASN B 77 1.21 -12.84 -13.14
CA ASN B 77 1.06 -13.61 -14.37
C ASN B 77 0.22 -12.89 -15.38
N LEU B 78 -0.91 -12.30 -14.95
CA LEU B 78 -1.79 -11.52 -15.82
C LEU B 78 -1.03 -10.33 -16.38
N PHE B 79 -0.20 -9.69 -15.52
CA PHE B 79 0.60 -8.53 -15.86
C PHE B 79 1.67 -8.85 -16.87
N ARG B 80 2.46 -9.94 -16.69
CA ARG B 80 3.44 -10.34 -17.71
C ARG B 80 2.72 -10.66 -19.04
N LEU B 81 1.67 -11.47 -18.97
CA LEU B 81 0.90 -11.82 -20.15
C LEU B 81 0.54 -10.58 -20.97
N LEU B 82 -0.03 -9.53 -20.32
CA LEU B 82 -0.42 -8.27 -20.96
C LEU B 82 0.76 -7.55 -21.56
N THR B 83 1.91 -7.58 -20.86
CA THR B 83 3.15 -6.92 -21.27
C THR B 83 3.67 -7.50 -22.57
N ASP B 84 3.88 -8.84 -22.59
CA ASP B 84 4.35 -9.63 -23.73
C ASP B 84 3.44 -9.44 -24.95
N PHE B 85 2.15 -9.18 -24.74
CA PHE B 85 1.20 -8.93 -25.81
C PHE B 85 1.24 -7.44 -26.22
N GLY B 86 2.13 -6.67 -25.58
CA GLY B 86 2.31 -5.24 -25.81
C GLY B 86 1.09 -4.42 -25.41
N ILE B 87 0.47 -4.79 -24.28
CA ILE B 87 -0.74 -4.11 -23.79
C ILE B 87 -0.39 -3.29 -22.58
N GLY B 88 -0.74 -2.03 -22.66
CA GLY B 88 -0.50 -1.09 -21.59
C GLY B 88 -1.55 -1.19 -20.50
N THR B 89 -1.17 -0.75 -19.31
CA THR B 89 -2.05 -0.66 -18.16
C THR B 89 -2.04 0.76 -17.64
N TYR B 90 -3.08 1.18 -16.98
CA TYR B 90 -3.12 2.50 -16.40
C TYR B 90 -3.65 2.46 -14.98
N VAL B 91 -3.35 3.49 -14.20
CA VAL B 91 -3.79 3.55 -12.82
C VAL B 91 -5.20 4.13 -12.75
N ALA B 92 -6.11 3.34 -12.14
CA ALA B 92 -7.50 3.70 -11.92
C ALA B 92 -7.68 3.66 -10.40
N PRO B 93 -7.34 4.76 -9.66
CA PRO B 93 -7.45 4.72 -8.19
C PRO B 93 -8.88 4.47 -7.73
N SER B 94 -9.04 3.66 -6.66
CA SER B 94 -10.31 3.29 -6.04
C SER B 94 -10.89 4.38 -5.11
N SER B 95 -11.22 5.55 -5.70
CA SER B 95 -11.88 6.66 -4.99
C SER B 95 -13.31 6.17 -4.71
N VAL B 96 -13.78 6.29 -3.45
CA VAL B 96 -15.09 5.81 -3.00
C VAL B 96 -15.91 6.90 -2.30
N HIS B 97 -17.18 7.09 -2.69
CA HIS B 97 -18.07 8.04 -2.00
C HIS B 97 -19.33 7.26 -1.61
N VAL B 98 -19.78 7.40 -0.35
CA VAL B 98 -20.94 6.68 0.15
C VAL B 98 -22.02 7.64 0.52
N ASP B 99 -23.19 7.50 -0.13
CA ASP B 99 -24.38 8.33 0.14
C ASP B 99 -25.50 7.55 0.79
N PHE B 100 -26.06 8.17 1.84
CA PHE B 100 -27.19 7.71 2.62
C PHE B 100 -28.32 8.77 2.64
N PRO B 101 -29.57 8.36 2.97
CA PRO B 101 -30.73 9.24 2.84
C PRO B 101 -30.71 10.68 3.39
N GLY B 102 -30.24 10.93 4.60
CA GLY B 102 -30.28 12.30 5.13
C GLY B 102 -29.51 13.41 4.40
N GLU B 103 -29.51 14.62 4.99
CA GLU B 103 -28.80 15.80 4.47
C GLU B 103 -27.33 15.70 4.90
N GLN B 104 -26.39 15.72 3.90
CA GLN B 104 -24.94 15.59 4.13
C GLN B 104 -24.54 14.25 4.78
N GLN B 105 -25.42 13.21 4.67
CA GLN B 105 -25.24 11.86 5.22
C GLN B 105 -24.31 10.99 4.37
N SER B 106 -23.03 11.37 4.31
CA SER B 106 -22.06 10.70 3.47
C SER B 106 -20.69 10.63 4.07
N TRP B 107 -19.79 9.92 3.38
CA TRP B 107 -18.37 9.80 3.65
C TRP B 107 -17.65 9.37 2.37
N ASN B 108 -16.36 9.72 2.24
CA ASN B 108 -15.52 9.35 1.09
C ASN B 108 -14.07 9.15 1.52
N ASN B 109 -13.27 8.42 0.70
CA ASN B 109 -11.87 8.17 1.03
C ASN B 109 -10.92 9.19 0.38
N LEU B 110 -11.44 10.36 -0.02
CA LEU B 110 -10.63 11.42 -0.62
C LEU B 110 -10.45 12.64 0.33
N ASP B 111 -11.53 13.01 1.03
CA ASP B 111 -11.54 14.12 1.98
C ASP B 111 -12.23 13.70 3.30
N PHE B 112 -12.26 14.59 4.31
CA PHE B 112 -12.90 14.26 5.58
C PHE B 112 -14.30 14.89 5.74
N LEU B 113 -14.96 15.24 4.64
CA LEU B 113 -16.29 15.80 4.75
C LEU B 113 -17.36 14.71 4.93
N GLY B 114 -18.53 15.15 5.40
CA GLY B 114 -19.71 14.32 5.59
C GLY B 114 -20.08 14.00 7.03
N GLU B 115 -21.41 13.90 7.27
CA GLU B 115 -21.97 13.60 8.59
C GLU B 115 -21.62 12.20 9.03
N LEU B 116 -21.65 11.22 8.12
CA LEU B 116 -21.23 9.87 8.45
C LEU B 116 -19.76 9.84 8.81
N ARG B 117 -18.91 10.63 8.09
CA ARG B 117 -17.48 10.76 8.43
C ARG B 117 -17.32 11.28 9.86
N GLU B 118 -18.12 12.31 10.26
CA GLU B 118 -18.10 12.87 11.61
C GLU B 118 -18.49 11.82 12.65
N GLU B 119 -19.61 11.15 12.40
CA GLU B 119 -20.18 10.09 13.21
C GLU B 119 -19.26 8.86 13.33
N LEU B 120 -18.48 8.54 12.28
CA LEU B 120 -17.68 7.30 12.25
C LEU B 120 -16.17 7.42 12.17
N HIS B 121 -15.57 8.61 12.04
CA HIS B 121 -14.12 8.75 11.84
C HIS B 121 -13.27 7.90 12.77
N GLU B 122 -13.60 7.88 14.05
CA GLU B 122 -12.85 7.18 15.09
C GLU B 122 -12.82 5.68 14.87
N GLU B 123 -13.90 5.10 14.36
CA GLU B 123 -14.02 3.66 14.04
C GLU B 123 -13.30 3.28 12.74
N PHE B 124 -13.30 4.15 11.71
CA PHE B 124 -12.57 3.98 10.44
C PHE B 124 -11.08 3.84 10.77
N ASP B 125 -10.63 4.72 11.69
CA ASP B 125 -9.27 4.86 12.16
C ASP B 125 -8.85 3.65 12.95
N ARG B 126 -9.69 3.20 13.89
CA ARG B 126 -9.40 2.03 14.72
C ARG B 126 -9.33 0.79 13.85
N PHE B 127 -10.26 0.69 12.87
CA PHE B 127 -10.38 -0.43 11.94
C PHE B 127 -9.08 -0.69 11.18
N HIS B 128 -8.52 0.37 10.55
CA HIS B 128 -7.26 0.30 9.79
C HIS B 128 -6.09 -0.23 10.61
N GLN B 129 -6.01 0.16 11.89
CA GLN B 129 -4.94 -0.30 12.78
C GLN B 129 -5.11 -1.78 13.01
N GLU B 130 -6.31 -2.19 13.47
CA GLU B 130 -6.66 -3.57 13.76
C GLU B 130 -6.45 -4.49 12.55
N MSE B 131 -6.81 -4.01 11.35
CA MSE B 131 -6.63 -4.77 10.12
C MSE B 131 -5.19 -5.03 9.82
O MSE B 131 -4.84 -6.17 9.54
CB MSE B 131 -7.32 -4.11 8.92
CG MSE B 131 -8.81 -4.36 8.91
SE MSE B 131 -9.42 -6.16 9.52
CE MSE B 131 -9.83 -5.79 11.42
N ASN B 132 -4.34 -3.99 9.92
CA ASN B 132 -2.90 -4.05 9.66
C ASN B 132 -2.14 -4.93 10.64
N GLN B 133 -2.50 -4.89 11.92
CA GLN B 133 -1.85 -5.70 12.95
C GLN B 133 -2.32 -7.15 12.91
N LEU B 134 -3.41 -7.44 12.19
CA LEU B 134 -3.99 -8.77 12.14
C LEU B 134 -3.18 -9.87 11.38
N PRO B 135 -2.72 -9.77 10.10
CA PRO B 135 -2.02 -10.92 9.50
C PRO B 135 -0.83 -11.44 10.30
N THR B 136 -0.25 -10.57 11.14
CA THR B 136 0.89 -10.86 12.00
C THR B 136 0.47 -11.21 13.43
N SER B 141 -6.53 -18.61 16.72
CA SER B 141 -7.79 -17.87 16.53
C SER B 141 -7.75 -17.07 15.23
N TYR B 142 -8.92 -16.45 14.84
CA TYR B 142 -9.11 -15.54 13.69
C TYR B 142 -8.76 -16.15 12.32
N LYS B 143 -8.42 -17.45 12.32
CA LYS B 143 -7.92 -18.22 11.19
C LYS B 143 -8.90 -18.27 10.01
N GLN B 144 -10.20 -18.43 10.30
CA GLN B 144 -11.24 -18.52 9.28
C GLN B 144 -12.45 -17.68 9.64
N MSE B 145 -12.32 -16.82 10.68
CA MSE B 145 -13.36 -15.92 11.23
C MSE B 145 -14.15 -15.13 10.17
O MSE B 145 -13.71 -15.01 9.02
CB MSE B 145 -12.77 -14.98 12.28
CG MSE B 145 -13.54 -14.94 13.57
SE MSE B 145 -13.19 -13.30 14.60
CE MSE B 145 -13.27 -14.00 16.48
N SER B 146 -15.33 -14.61 10.56
CA SER B 146 -16.16 -13.81 9.66
C SER B 146 -15.97 -12.32 9.97
N ILE B 147 -16.08 -11.44 8.96
CA ILE B 147 -15.85 -10.03 9.20
C ILE B 147 -16.92 -9.50 10.20
N GLY B 148 -18.18 -9.93 10.03
CA GLY B 148 -19.31 -9.59 10.91
C GLY B 148 -19.09 -9.96 12.37
N GLU B 149 -18.61 -11.21 12.64
CA GLU B 149 -18.31 -11.72 13.98
C GLU B 149 -17.25 -10.84 14.61
N TYR B 150 -16.17 -10.52 13.83
CA TYR B 150 -15.09 -9.68 14.32
C TYR B 150 -15.68 -8.34 14.76
N LEU B 151 -16.43 -7.68 13.86
CA LEU B 151 -17.01 -6.35 14.09
C LEU B 151 -17.80 -6.30 15.37
N ASP B 152 -18.61 -7.34 15.60
CA ASP B 152 -19.42 -7.49 16.80
C ASP B 152 -18.55 -7.71 18.03
N LYS B 153 -17.63 -8.70 17.98
CA LYS B 153 -16.76 -8.96 19.11
C LYS B 153 -15.79 -7.80 19.42
N HIS B 154 -15.54 -6.88 18.46
CA HIS B 154 -14.62 -5.80 18.74
C HIS B 154 -15.29 -4.43 18.86
N GLY B 155 -16.53 -4.48 19.36
CA GLY B 155 -17.36 -3.32 19.73
C GLY B 155 -17.69 -2.26 18.70
N TYR B 156 -17.65 -2.61 17.40
CA TYR B 156 -17.99 -1.65 16.36
C TYR B 156 -19.50 -1.43 16.29
N SER B 157 -19.89 -0.16 16.11
CA SER B 157 -21.30 0.25 16.01
C SER B 157 -22.02 -0.45 14.84
N LYS B 158 -23.37 -0.57 14.93
CA LYS B 158 -24.17 -1.16 13.85
C LYS B 158 -24.11 -0.19 12.67
N SER B 159 -23.91 1.12 12.98
CA SER B 159 -23.74 2.19 11.99
C SER B 159 -22.50 1.92 11.14
N PHE B 160 -21.34 1.58 11.74
CA PHE B 160 -20.13 1.24 11.00
C PHE B 160 -20.36 -0.01 10.16
N LYS B 161 -21.00 -1.00 10.76
CA LYS B 161 -21.29 -2.27 10.11
C LYS B 161 -22.10 -2.09 8.83
N TYR B 162 -23.13 -1.27 8.86
CA TYR B 162 -24.00 -1.18 7.71
C TYR B 162 -23.79 0.05 6.86
N LYS B 163 -23.23 1.13 7.42
CA LYS B 163 -23.02 2.38 6.70
C LYS B 163 -21.60 2.54 6.15
N ALA B 164 -20.61 1.79 6.67
CA ALA B 164 -19.22 1.88 6.25
C ALA B 164 -18.70 0.54 5.73
N MSE B 165 -18.70 -0.47 6.60
CA MSE B 165 -18.19 -1.78 6.28
C MSE B 165 -18.87 -2.42 5.09
O MSE B 165 -18.20 -2.79 4.12
CB MSE B 165 -18.28 -2.70 7.49
CG MSE B 165 -17.35 -3.90 7.34
SE MSE B 165 -15.48 -3.33 7.09
CE MSE B 165 -14.89 -4.74 6.01
N ASN B 166 -20.18 -2.58 5.18
CA ASN B 166 -20.97 -3.20 4.12
C ASN B 166 -20.85 -2.46 2.78
N PRO B 167 -21.02 -1.11 2.69
CA PRO B 167 -20.79 -0.43 1.40
C PRO B 167 -19.40 -0.66 0.81
N ILE B 168 -18.30 -0.45 1.58
CA ILE B 168 -16.95 -0.59 1.05
C ILE B 168 -16.75 -2.00 0.51
N LEU B 169 -17.14 -3.03 1.26
CA LEU B 169 -17.02 -4.42 0.81
C LEU B 169 -17.71 -4.68 -0.52
N SER B 170 -18.77 -3.95 -0.77
CA SER B 170 -19.61 -4.08 -1.94
C SER B 170 -19.11 -3.24 -3.14
N ILE B 171 -17.82 -2.81 -3.17
CA ILE B 171 -17.27 -2.10 -4.35
C ILE B 171 -16.80 -3.15 -5.38
N TYR B 172 -16.80 -4.38 -4.92
CA TYR B 172 -16.65 -5.64 -5.60
C TYR B 172 -17.24 -6.65 -4.59
N SER B 173 -16.76 -7.92 -4.52
CA SER B 173 -17.22 -8.94 -3.57
C SER B 173 -18.77 -9.26 -3.67
N GLY B 174 -19.47 -8.59 -4.61
CA GLY B 174 -20.89 -8.78 -4.88
C GLY B 174 -21.81 -8.11 -3.87
N CYS B 175 -22.73 -7.27 -4.36
CA CYS B 175 -23.69 -6.57 -3.51
C CYS B 175 -24.63 -7.55 -2.82
N HIS B 176 -25.27 -8.44 -3.60
CA HIS B 176 -26.18 -9.49 -3.12
C HIS B 176 -25.51 -10.45 -2.15
N ALA B 177 -24.20 -10.60 -2.29
CA ALA B 177 -23.37 -11.51 -1.51
C ALA B 177 -23.43 -11.25 -0.02
N PRO B 178 -23.34 -12.32 0.80
CA PRO B 178 -23.33 -12.11 2.26
C PRO B 178 -21.93 -11.65 2.69
N SER B 179 -21.59 -10.41 2.27
CA SER B 179 -20.31 -9.74 2.47
C SER B 179 -19.84 -9.80 3.90
N LEU B 180 -20.73 -9.56 4.89
CA LEU B 180 -20.36 -9.60 6.31
C LEU B 180 -20.07 -11.00 6.81
N ASP B 181 -20.37 -12.04 6.00
CA ASP B 181 -20.09 -13.44 6.36
C ASP B 181 -18.78 -14.00 5.82
N TYR B 182 -18.21 -13.36 4.76
CA TYR B 182 -16.95 -13.77 4.11
C TYR B 182 -15.77 -13.71 5.08
N ASN B 183 -14.74 -14.55 4.81
CA ASN B 183 -13.50 -14.74 5.57
C ASN B 183 -12.81 -13.43 6.02
N LEU B 184 -12.44 -13.34 7.33
CA LEU B 184 -11.79 -12.17 7.92
C LEU B 184 -10.48 -11.86 7.24
N MSE B 185 -9.65 -12.88 6.99
CA MSE B 185 -8.33 -12.68 6.39
C MSE B 185 -8.37 -11.97 5.06
O MSE B 185 -7.52 -11.12 4.83
CB MSE B 185 -7.51 -13.97 6.31
CG MSE B 185 -6.86 -14.33 7.65
SE MSE B 185 -5.86 -12.85 8.49
CE MSE B 185 -6.16 -13.29 10.43
N TYR B 186 -9.39 -12.24 4.26
CA TYR B 186 -9.59 -11.60 2.97
C TYR B 186 -9.85 -10.09 3.13
N VAL B 187 -10.56 -9.69 4.19
CA VAL B 187 -10.81 -8.27 4.46
C VAL B 187 -9.55 -7.63 5.04
N ALA B 188 -8.92 -8.30 6.02
CA ALA B 188 -7.68 -7.85 6.68
C ALA B 188 -6.59 -7.63 5.63
N LEU B 189 -6.51 -8.53 4.63
CA LEU B 189 -5.54 -8.41 3.54
C LEU B 189 -5.88 -7.34 2.53
N SER B 190 -7.18 -7.17 2.20
CA SER B 190 -7.59 -6.14 1.22
C SER B 190 -7.29 -4.74 1.73
N PHE B 191 -7.28 -4.58 3.08
CA PHE B 191 -7.02 -3.31 3.75
C PHE B 191 -5.55 -3.04 3.95
N SER B 192 -4.76 -4.07 4.32
CA SER B 192 -3.33 -3.92 4.51
C SER B 192 -2.63 -3.65 3.17
N MSE B 193 -3.09 -4.30 2.10
CA MSE B 193 -2.52 -4.16 0.74
C MSE B 193 -3.01 -2.95 -0.02
O MSE B 193 -2.75 -2.85 -1.23
CB MSE B 193 -2.76 -5.43 -0.06
CG MSE B 193 -1.92 -6.60 0.40
SE MSE B 193 -2.58 -8.27 -0.37
CE MSE B 193 -1.39 -9.53 0.66
N ASN B 194 -3.72 -2.03 0.64
CA ASN B 194 -4.26 -0.81 0.04
C ASN B 194 -5.18 -1.12 -1.18
N LEU B 195 -6.05 -2.13 -1.07
CA LEU B 195 -6.98 -2.40 -2.17
C LEU B 195 -8.27 -1.65 -1.83
N LEU B 196 -8.63 -1.67 -0.52
CA LEU B 196 -9.72 -0.94 0.12
C LEU B 196 -9.12 -0.08 1.25
N SER B 197 -9.64 1.14 1.44
CA SER B 197 -9.16 2.06 2.48
C SER B 197 -10.19 3.16 2.68
N PHE B 198 -10.33 3.64 3.93
CA PHE B 198 -11.21 4.73 4.32
C PHE B 198 -10.46 6.04 4.31
N PHE B 199 -9.13 6.00 4.19
CA PHE B 199 -8.31 7.22 4.22
C PHE B 199 -7.63 7.56 2.89
N SER B 200 -7.46 6.57 1.99
CA SER B 200 -6.87 6.81 0.66
C SER B 200 -7.55 5.97 -0.44
N ALA B 201 -7.35 6.34 -1.73
CA ALA B 201 -7.83 5.57 -2.89
C ALA B 201 -6.84 4.41 -3.12
N GLY B 202 -7.35 3.24 -3.41
CA GLY B 202 -6.55 2.03 -3.57
C GLY B 202 -5.79 2.04 -4.88
N TYR B 203 -4.66 1.32 -4.89
CA TYR B 203 -3.82 1.20 -6.07
C TYR B 203 -4.36 0.07 -6.94
N TRP B 204 -5.13 0.45 -7.96
N TRP B 204 -5.16 0.45 -7.95
CA TRP B 204 -5.70 -0.48 -8.91
CA TRP B 204 -5.76 -0.45 -8.94
C TRP B 204 -5.30 -0.06 -10.31
C TRP B 204 -5.29 -0.05 -10.31
N ARG B 205 -5.09 -1.06 -11.17
CA ARG B 205 -4.74 -0.84 -12.56
C ARG B 205 -5.87 -1.39 -13.48
N LYS B 206 -5.97 -0.83 -14.68
CA LYS B 206 -6.89 -1.30 -15.70
C LYS B 206 -6.07 -1.59 -16.98
N ALA B 207 -6.55 -2.50 -17.88
CA ALA B 207 -5.84 -2.78 -19.14
C ALA B 207 -6.27 -1.78 -20.20
N GLN B 208 -5.32 -1.40 -21.10
CA GLN B 208 -5.45 -0.39 -22.17
C GLN B 208 -6.34 -0.89 -23.29
N GLY B 209 -7.47 -0.20 -23.52
CA GLY B 209 -8.50 -0.57 -24.52
C GLY B 209 -9.31 -1.82 -24.15
N GLY B 210 -9.75 -1.86 -22.89
CA GLY B 210 -10.51 -2.97 -22.33
C GLY B 210 -9.63 -4.16 -21.98
N ILE B 211 -10.16 -5.00 -21.06
CA ILE B 211 -9.55 -6.26 -20.57
C ILE B 211 -9.53 -7.25 -21.71
N HIS B 212 -10.54 -7.16 -22.61
CA HIS B 212 -10.71 -8.05 -23.74
C HIS B 212 -9.46 -8.09 -24.64
N SER B 213 -8.71 -7.01 -24.69
CA SER B 213 -7.51 -6.86 -25.48
C SER B 213 -6.57 -8.09 -25.43
N TYR B 214 -6.32 -8.65 -24.25
CA TYR B 214 -5.46 -9.82 -24.17
C TYR B 214 -6.18 -11.09 -24.63
N LEU B 215 -7.51 -11.11 -24.58
CA LEU B 215 -8.29 -12.26 -25.01
C LEU B 215 -8.38 -12.28 -26.53
N ALA B 216 -8.62 -11.08 -27.13
CA ALA B 216 -8.67 -10.78 -28.56
C ALA B 216 -7.40 -11.25 -29.24
N ARG B 217 -6.25 -11.13 -28.52
CA ARG B 217 -4.97 -11.61 -29.02
C ARG B 217 -4.93 -13.12 -28.93
N ILE B 218 -5.27 -13.67 -27.74
CA ILE B 218 -5.32 -15.11 -27.49
C ILE B 218 -6.16 -15.79 -28.59
N GLU B 219 -7.30 -15.15 -28.98
CA GLU B 219 -8.27 -15.54 -30.02
C GLU B 219 -7.58 -15.66 -31.38
N SER B 220 -6.82 -14.59 -31.79
CA SER B 220 -6.07 -14.59 -33.06
C SER B 220 -5.02 -15.69 -33.06
N ASP B 221 -4.25 -15.78 -31.97
CA ASP B 221 -3.20 -16.76 -31.81
C ASP B 221 -3.71 -18.19 -31.94
N LEU B 222 -5.00 -18.43 -31.61
CA LEU B 222 -5.60 -19.76 -31.70
C LEU B 222 -6.26 -20.00 -33.06
N GLY B 223 -6.86 -18.94 -33.57
CA GLY B 223 -7.52 -18.95 -34.87
C GLY B 223 -8.69 -19.91 -34.96
N GLU B 224 -8.51 -20.98 -35.78
CA GLU B 224 -9.47 -22.06 -36.13
C GLU B 224 -9.79 -23.04 -34.98
N ARG B 225 -8.91 -23.06 -33.96
CA ARG B 225 -9.04 -23.90 -32.78
C ARG B 225 -10.20 -23.45 -31.89
N VAL B 226 -10.69 -22.22 -32.08
CA VAL B 226 -11.77 -21.64 -31.29
C VAL B 226 -13.15 -21.82 -31.95
N ARG B 227 -14.14 -22.26 -31.17
CA ARG B 227 -15.54 -22.34 -31.62
C ARG B 227 -16.36 -21.38 -30.78
N LEU B 228 -16.66 -20.25 -31.34
CA LEU B 228 -17.55 -19.35 -30.64
C LEU B 228 -18.98 -19.82 -30.87
N ASN B 229 -19.94 -19.32 -30.10
CA ASN B 229 -21.35 -19.71 -30.20
C ASN B 229 -21.57 -21.25 -30.31
N THR B 230 -20.71 -22.04 -29.64
CA THR B 230 -20.75 -23.50 -29.65
C THR B 230 -20.85 -24.03 -28.21
N PRO B 231 -22.03 -23.93 -27.57
CA PRO B 231 -22.18 -24.47 -26.22
C PRO B 231 -22.05 -25.98 -26.24
N VAL B 232 -21.23 -26.53 -25.34
CA VAL B 232 -21.14 -27.96 -25.18
C VAL B 232 -22.52 -28.39 -24.55
N GLU B 233 -22.95 -29.60 -24.90
CA GLU B 233 -24.18 -30.16 -24.44
C GLU B 233 -23.84 -31.33 -23.52
N ALA B 234 -22.70 -32.03 -23.78
CA ALA B 234 -22.32 -33.16 -22.93
C ALA B 234 -20.89 -33.63 -23.12
N VAL B 235 -20.28 -34.12 -22.02
CA VAL B 235 -18.91 -34.65 -22.04
C VAL B 235 -18.96 -36.06 -21.46
N VAL B 236 -18.81 -37.04 -22.35
CA VAL B 236 -18.95 -38.46 -22.02
C VAL B 236 -17.63 -39.24 -22.11
N PRO B 237 -16.91 -39.44 -20.98
CA PRO B 237 -15.70 -40.28 -21.04
C PRO B 237 -16.09 -41.70 -21.46
N THR B 238 -15.30 -42.27 -22.36
CA THR B 238 -15.53 -43.61 -22.92
C THR B 238 -14.29 -44.49 -22.77
N GLN B 239 -14.42 -45.76 -23.16
CA GLN B 239 -13.34 -46.77 -23.05
C GLN B 239 -12.14 -46.32 -23.88
N SER B 240 -12.43 -45.92 -25.12
CA SER B 240 -11.47 -45.40 -26.10
C SER B 240 -10.82 -44.07 -25.63
N GLY B 241 -11.63 -42.99 -25.53
CA GLY B 241 -11.21 -41.67 -25.07
C GLY B 241 -12.29 -40.93 -24.32
N VAL B 242 -12.65 -39.72 -24.80
CA VAL B 242 -13.72 -38.84 -24.28
C VAL B 242 -14.52 -38.27 -25.47
N THR B 243 -15.85 -38.19 -25.30
CA THR B 243 -16.75 -37.74 -26.34
C THR B 243 -17.44 -36.46 -25.94
N VAL B 244 -17.28 -35.44 -26.77
CA VAL B 244 -17.86 -34.12 -26.52
C VAL B 244 -18.98 -33.90 -27.52
N LEU B 245 -20.14 -33.51 -27.03
CA LEU B 245 -21.26 -33.23 -27.88
C LEU B 245 -21.45 -31.74 -27.83
N ALA B 246 -21.02 -31.03 -28.88
CA ALA B 246 -21.15 -29.58 -28.94
C ALA B 246 -21.57 -29.09 -30.32
N GLY B 247 -22.57 -28.22 -30.31
CA GLY B 247 -23.15 -27.61 -31.50
C GLY B 247 -23.67 -28.61 -32.50
N GLY B 248 -24.36 -29.64 -31.98
CA GLY B 248 -24.98 -30.71 -32.76
C GLY B 248 -24.00 -31.56 -33.53
N GLN B 249 -22.87 -31.92 -32.91
CA GLN B 249 -21.86 -32.78 -33.54
C GLN B 249 -21.14 -33.58 -32.47
N GLU B 250 -20.60 -34.73 -32.83
CA GLU B 250 -19.87 -35.56 -31.86
C GLU B 250 -18.40 -35.37 -32.09
N HIS B 251 -17.62 -35.18 -31.02
CA HIS B 251 -16.19 -34.91 -31.16
C HIS B 251 -15.36 -35.90 -30.36
N HIS B 252 -14.24 -36.38 -30.90
CA HIS B 252 -13.44 -37.38 -30.20
C HIS B 252 -12.13 -36.81 -29.65
N PHE B 253 -11.95 -36.88 -28.31
CA PHE B 253 -10.74 -36.36 -27.66
C PHE B 253 -10.11 -37.37 -26.72
N ASP B 254 -8.83 -37.18 -26.40
CA ASP B 254 -8.03 -38.02 -25.50
C ASP B 254 -8.12 -37.49 -24.07
N GLN B 255 -8.24 -36.14 -23.92
CA GLN B 255 -8.38 -35.41 -22.65
C GLN B 255 -9.41 -34.28 -22.80
N VAL B 256 -10.04 -33.85 -21.68
CA VAL B 256 -11.01 -32.74 -21.66
C VAL B 256 -10.74 -31.86 -20.44
N VAL B 257 -10.57 -30.55 -20.69
CA VAL B 257 -10.30 -29.58 -19.66
C VAL B 257 -11.55 -28.69 -19.51
N PHE B 258 -12.08 -28.64 -18.30
CA PHE B 258 -13.25 -27.85 -17.94
C PHE B 258 -12.83 -26.52 -17.30
N ALA B 259 -13.19 -25.40 -17.96
CA ALA B 259 -12.94 -24.05 -17.47
C ALA B 259 -14.26 -23.32 -17.30
N THR B 260 -15.31 -24.12 -16.98
CA THR B 260 -16.67 -23.68 -16.69
C THR B 260 -16.93 -23.79 -15.16
N HIS B 261 -17.92 -22.98 -14.65
CA HIS B 261 -18.35 -23.00 -13.27
C HIS B 261 -18.80 -24.43 -12.92
N ALA B 262 -18.45 -24.88 -11.70
CA ALA B 262 -18.73 -26.23 -11.22
C ALA B 262 -20.19 -26.72 -11.48
N ASP B 263 -21.18 -25.83 -11.34
CA ASP B 263 -22.55 -26.21 -11.62
C ASP B 263 -22.75 -26.60 -13.11
N VAL B 264 -22.18 -25.78 -14.03
CA VAL B 264 -22.16 -26.00 -15.49
C VAL B 264 -21.38 -27.27 -15.77
N THR B 265 -20.14 -27.36 -15.21
CA THR B 265 -19.29 -28.54 -15.35
C THR B 265 -20.10 -29.83 -15.12
N LEU B 266 -20.86 -29.92 -13.97
CA LEU B 266 -21.64 -31.09 -13.58
C LEU B 266 -22.79 -31.41 -14.55
N ARG B 267 -23.58 -30.40 -14.95
CA ARG B 267 -24.69 -30.53 -15.90
C ARG B 267 -24.21 -31.09 -17.25
N LEU B 268 -22.95 -30.75 -17.63
CA LEU B 268 -22.35 -31.19 -18.89
C LEU B 268 -21.74 -32.53 -18.74
N LEU B 269 -21.23 -32.83 -17.53
CA LEU B 269 -20.60 -34.12 -17.27
C LEU B 269 -21.70 -35.21 -17.19
N ARG B 270 -21.48 -36.28 -17.95
CA ARG B 270 -22.46 -37.35 -18.11
C ARG B 270 -21.71 -38.63 -18.49
N ASP B 273 -20.69 -42.13 -11.81
CA ASP B 273 -20.11 -41.78 -10.51
C ASP B 273 -20.91 -40.68 -9.84
N GLN B 274 -21.06 -40.77 -8.52
CA GLN B 274 -21.81 -39.78 -7.77
C GLN B 274 -20.87 -39.11 -6.74
N GLN B 275 -19.55 -39.31 -6.95
CA GLN B 275 -18.40 -38.71 -6.28
C GLN B 275 -18.27 -37.34 -6.93
N TYR B 276 -18.65 -37.26 -8.23
CA TYR B 276 -18.70 -36.06 -9.05
C TYR B 276 -19.87 -35.18 -8.58
N ARG B 277 -21.03 -35.78 -8.33
CA ARG B 277 -22.15 -35.01 -7.79
C ARG B 277 -21.77 -34.40 -6.43
N ASP B 278 -20.95 -35.10 -5.63
CA ASP B 278 -20.52 -34.68 -4.29
C ASP B 278 -19.56 -33.52 -4.33
N LEU B 279 -18.53 -33.62 -5.18
CA LEU B 279 -17.51 -32.60 -5.36
C LEU B 279 -17.98 -31.39 -6.19
N LEU B 280 -18.89 -31.59 -7.19
CA LEU B 280 -19.32 -30.48 -8.06
C LEU B 280 -20.68 -29.85 -7.70
N GLY B 281 -21.54 -30.59 -7.00
CA GLY B 281 -22.80 -30.06 -6.52
C GLY B 281 -22.52 -29.20 -5.29
N ASP B 282 -23.58 -28.53 -4.78
CA ASP B 282 -23.49 -27.69 -3.56
C ASP B 282 -22.62 -26.39 -3.70
N PHE B 283 -22.06 -26.09 -4.89
CA PHE B 283 -21.27 -24.86 -5.08
C PHE B 283 -22.22 -23.70 -5.09
N ALA B 284 -22.00 -22.70 -4.22
CA ALA B 284 -22.90 -21.53 -4.08
C ALA B 284 -22.47 -20.34 -4.91
N TYR B 285 -23.45 -19.68 -5.51
CA TYR B 285 -23.19 -18.52 -6.34
C TYR B 285 -24.06 -17.33 -5.94
N VAL B 286 -23.72 -16.15 -6.47
CA VAL B 286 -24.39 -14.89 -6.18
C VAL B 286 -24.66 -14.22 -7.51
N PRO B 287 -25.93 -13.87 -7.77
CA PRO B 287 -26.26 -13.16 -9.00
C PRO B 287 -25.70 -11.71 -8.95
N VAL B 288 -25.23 -11.24 -10.12
CA VAL B 288 -24.71 -9.90 -10.34
C VAL B 288 -25.28 -9.38 -11.65
N GLU B 289 -25.79 -8.13 -11.61
CA GLU B 289 -26.30 -7.51 -12.81
C GLU B 289 -25.50 -6.27 -13.09
N SER B 290 -24.72 -6.28 -14.18
CA SER B 290 -23.94 -5.12 -14.61
C SER B 290 -24.80 -4.36 -15.61
N VAL B 291 -25.03 -3.06 -15.38
CA VAL B 291 -25.87 -2.25 -16.27
C VAL B 291 -25.05 -1.09 -16.81
N LEU B 292 -24.70 -1.17 -18.11
CA LEU B 292 -23.92 -0.12 -18.80
C LEU B 292 -24.93 0.94 -19.25
N HIS B 293 -24.93 2.09 -18.60
CA HIS B 293 -25.90 3.14 -18.94
C HIS B 293 -25.30 4.56 -19.00
N GLN B 294 -26.15 5.54 -19.36
CA GLN B 294 -25.78 6.95 -19.45
C GLN B 294 -26.77 7.85 -18.73
N ASP B 295 -27.36 7.37 -17.62
CA ASP B 295 -28.33 8.12 -16.85
C ASP B 295 -27.65 8.74 -15.65
N GLU B 296 -27.14 9.94 -15.95
CA GLU B 296 -26.40 10.83 -15.08
C GLU B 296 -27.12 11.19 -13.73
N SER B 297 -28.34 10.66 -13.49
CA SER B 297 -29.08 10.88 -12.25
C SER B 297 -28.61 9.91 -11.18
N TRP B 298 -27.62 9.06 -11.53
CA TRP B 298 -27.03 8.07 -10.61
C TRP B 298 -25.76 8.58 -9.95
N LEU B 299 -25.24 9.69 -10.49
CA LEU B 299 -24.04 10.33 -9.96
C LEU B 299 -24.35 11.07 -8.68
N SER B 300 -23.39 11.08 -7.77
CA SER B 300 -23.55 11.74 -6.50
C SER B 300 -23.48 13.25 -6.65
N PRO B 301 -24.43 13.96 -6.01
CA PRO B 301 -24.40 15.44 -6.07
C PRO B 301 -23.21 16.05 -5.34
N ALA B 302 -22.56 15.25 -4.47
CA ALA B 302 -21.41 15.67 -3.67
C ALA B 302 -20.13 14.89 -3.98
N GLY B 303 -20.27 13.65 -4.42
CA GLY B 303 -19.12 12.82 -4.70
C GLY B 303 -19.04 12.38 -6.15
N GLY B 304 -19.55 13.22 -7.04
CA GLY B 304 -19.58 12.91 -8.47
C GLY B 304 -18.24 12.86 -9.16
N GLY B 305 -17.16 12.99 -8.38
CA GLY B 305 -15.78 12.96 -8.84
C GLY B 305 -15.03 11.73 -8.41
N ALA B 306 -15.68 10.87 -7.59
CA ALA B 306 -15.09 9.63 -7.12
C ALA B 306 -15.42 8.55 -8.14
N TYR B 307 -14.55 7.54 -8.24
CA TYR B 307 -14.71 6.44 -9.18
C TYR B 307 -15.89 5.52 -8.79
N CYS B 308 -15.91 5.05 -7.51
CA CYS B 308 -16.93 4.17 -6.96
C CYS B 308 -17.91 4.96 -6.11
N GLN B 309 -19.18 5.01 -6.54
CA GLN B 309 -20.23 5.74 -5.84
C GLN B 309 -21.34 4.80 -5.38
N PHE B 310 -21.59 4.76 -4.05
CA PHE B 310 -22.59 3.89 -3.39
C PHE B 310 -23.71 4.74 -2.94
N ARG B 311 -24.94 4.28 -3.20
CA ARG B 311 -26.16 4.96 -2.80
C ARG B 311 -27.16 4.01 -2.18
N MSE B 312 -27.58 4.36 -0.95
CA MSE B 312 -28.61 3.66 -0.20
C MSE B 312 -29.92 4.43 -0.45
O MSE B 312 -29.95 5.64 -0.25
CB MSE B 312 -28.28 3.62 1.29
CG MSE B 312 -29.27 2.78 2.09
SE MSE B 312 -29.22 0.88 1.59
CE MSE B 312 -27.77 0.22 2.77
N PRO B 313 -30.98 3.72 -0.90
CA PRO B 313 -32.25 4.41 -1.19
C PRO B 313 -32.99 4.87 0.09
N GLU B 314 -34.02 5.73 -0.11
CA GLU B 314 -34.86 6.27 0.97
C GLU B 314 -35.54 5.18 1.82
N GLY B 315 -35.77 5.51 3.09
CA GLY B 315 -36.39 4.65 4.09
C GLY B 315 -35.54 3.46 4.48
N PHE B 316 -34.25 3.73 4.71
CA PHE B 316 -33.29 2.67 5.02
C PHE B 316 -33.56 1.98 6.37
N GLU B 317 -33.75 2.70 7.53
CA GLU B 317 -34.00 2.10 8.87
C GLU B 317 -32.95 1.06 9.32
N LEU B 318 -31.94 1.52 10.09
CA LEU B 318 -30.78 0.79 10.64
C LEU B 318 -31.11 -0.55 11.32
N ALA B 319 -32.35 -0.69 11.83
CA ALA B 319 -32.79 -1.94 12.46
C ALA B 319 -33.12 -3.04 11.42
N ARG B 320 -33.62 -2.62 10.23
CA ARG B 320 -34.00 -3.45 9.08
C ARG B 320 -32.78 -3.53 8.09
N ALA B 321 -31.58 -3.14 8.55
CA ALA B 321 -30.34 -3.07 7.77
C ALA B 321 -29.95 -4.32 6.95
N GLU B 322 -30.31 -5.52 7.43
CA GLU B 322 -30.04 -6.79 6.75
C GLU B 322 -30.92 -6.92 5.52
N GLU B 323 -32.12 -6.32 5.57
CA GLU B 323 -33.10 -6.35 4.47
C GLU B 323 -32.82 -5.31 3.40
N GLN B 324 -32.48 -4.07 3.82
CA GLN B 324 -32.15 -2.99 2.88
C GLN B 324 -30.81 -3.19 2.16
N MSE B 325 -30.79 -2.87 0.86
CA MSE B 325 -29.59 -2.99 0.03
C MSE B 325 -29.34 -1.78 -0.82
O MSE B 325 -30.26 -1.16 -1.35
CB MSE B 325 -29.69 -4.22 -0.84
CG MSE B 325 -28.42 -5.01 -0.84
SE MSE B 325 -28.70 -6.53 -2.00
CE MSE B 325 -28.19 -5.70 -3.75
N GLY B 326 -28.07 -1.47 -0.96
CA GLY B 326 -27.71 -0.31 -1.74
C GLY B 326 -27.25 -0.66 -3.15
N SER B 327 -27.01 0.37 -3.94
CA SER B 327 -26.52 0.15 -5.30
C SER B 327 -25.16 0.85 -5.52
N LEU B 328 -24.27 0.16 -6.28
CA LEU B 328 -22.95 0.66 -6.63
C LEU B 328 -22.82 1.10 -8.08
N THR B 329 -22.51 2.40 -8.29
CA THR B 329 -22.30 3.01 -9.59
C THR B 329 -20.80 3.24 -9.75
N ARG B 330 -20.32 3.14 -11.01
CA ARG B 330 -18.94 3.33 -11.37
C ARG B 330 -18.84 4.45 -12.37
N ASN B 331 -18.23 5.57 -11.95
CA ASN B 331 -18.08 6.75 -12.79
C ASN B 331 -16.90 6.62 -13.74
N CYS B 332 -17.14 6.04 -14.92
CA CYS B 332 -16.10 5.82 -15.91
C CYS B 332 -15.50 7.07 -16.45
N ASN B 333 -16.25 8.20 -16.47
CA ASN B 333 -15.70 9.46 -16.99
C ASN B 333 -14.49 9.94 -16.15
N VAL B 334 -14.33 9.42 -14.92
CA VAL B 334 -13.23 9.76 -14.05
C VAL B 334 -11.94 9.00 -14.44
N LEU B 335 -12.05 7.99 -15.33
CA LEU B 335 -10.87 7.25 -15.82
C LEU B 335 -10.08 8.15 -16.73
N HIS B 336 -8.74 8.18 -16.55
CA HIS B 336 -7.86 9.08 -17.31
C HIS B 336 -8.01 8.93 -18.83
N PRO B 337 -8.04 7.73 -19.47
CA PRO B 337 -8.29 7.68 -20.92
C PRO B 337 -9.62 8.27 -21.37
N TYR B 338 -10.64 8.29 -20.49
CA TYR B 338 -11.99 8.79 -20.81
C TYR B 338 -12.14 10.26 -20.49
N ARG B 339 -11.02 10.99 -20.28
CA ARG B 339 -11.06 12.39 -19.89
C ARG B 339 -11.55 13.35 -20.99
N LYS B 340 -11.28 13.06 -22.27
CA LYS B 340 -11.74 13.95 -23.32
C LYS B 340 -13.21 13.65 -23.79
N VAL B 341 -13.72 12.41 -23.48
CA VAL B 341 -15.06 11.88 -23.77
C VAL B 341 -16.09 12.77 -23.08
N SER B 342 -17.11 13.20 -23.87
CA SER B 342 -18.17 14.16 -23.55
C SER B 342 -19.51 13.58 -23.14
N SER B 343 -19.71 12.27 -23.38
CA SER B 343 -20.93 11.48 -23.13
C SER B 343 -20.78 10.72 -21.80
N PRO B 344 -21.77 10.74 -20.86
CA PRO B 344 -21.61 10.01 -19.59
C PRO B 344 -21.43 8.50 -19.78
N ILE B 345 -20.50 7.88 -19.02
CA ILE B 345 -20.25 6.43 -19.06
C ILE B 345 -20.35 5.88 -17.65
N LEU B 346 -21.51 5.29 -17.34
CA LEU B 346 -21.74 4.77 -16.00
C LEU B 346 -21.98 3.29 -16.04
N ILE B 347 -21.69 2.61 -14.93
CA ILE B 347 -21.94 1.17 -14.76
C ILE B 347 -22.59 1.03 -13.39
N THR B 348 -23.87 0.61 -13.35
CA THR B 348 -24.52 0.39 -12.06
C THR B 348 -24.67 -1.09 -11.86
N PHE B 349 -24.16 -1.60 -10.76
CA PHE B 349 -24.31 -2.99 -10.43
C PHE B 349 -25.52 -3.16 -9.53
N ASP B 350 -26.44 -4.10 -9.94
CA ASP B 350 -27.67 -4.49 -9.24
C ASP B 350 -28.45 -3.23 -8.80
N PRO B 351 -28.91 -2.42 -9.76
CA PRO B 351 -29.58 -1.16 -9.38
C PRO B 351 -30.85 -1.36 -8.57
N GLN B 352 -30.92 -0.72 -7.38
CA GLN B 352 -32.13 -0.83 -6.55
C GLN B 352 -33.16 0.14 -7.07
N GLU B 353 -32.83 1.45 -7.06
CA GLU B 353 -33.66 2.52 -7.63
C GLU B 353 -33.76 2.31 -9.18
N ASP B 354 -34.66 3.04 -9.85
CA ASP B 354 -34.87 2.87 -11.30
C ASP B 354 -33.68 3.38 -12.12
N VAL B 355 -33.46 2.81 -13.34
CA VAL B 355 -32.45 3.29 -14.30
C VAL B 355 -33.17 3.47 -15.65
N ASP B 356 -33.17 4.71 -16.20
CA ASP B 356 -33.86 5.08 -17.43
C ASP B 356 -33.54 4.13 -18.61
N PRO B 357 -34.57 3.36 -19.05
CA PRO B 357 -34.38 2.41 -20.16
C PRO B 357 -33.96 3.06 -21.47
N GLU B 358 -34.32 4.35 -21.65
CA GLU B 358 -33.96 5.16 -22.79
C GLU B 358 -32.44 5.40 -22.79
N ARG B 359 -31.83 5.47 -21.57
CA ARG B 359 -30.41 5.72 -21.37
C ARG B 359 -29.52 4.48 -21.22
N VAL B 360 -30.13 3.27 -21.17
CA VAL B 360 -29.40 2.00 -20.98
C VAL B 360 -28.76 1.49 -22.26
N ILE B 361 -27.41 1.39 -22.29
CA ILE B 361 -26.64 0.82 -23.42
C ILE B 361 -26.85 -0.69 -23.46
N VAL B 362 -26.51 -1.41 -22.38
CA VAL B 362 -26.63 -2.87 -22.30
C VAL B 362 -26.64 -3.36 -20.81
N ARG B 363 -27.07 -4.63 -20.58
CA ARG B 363 -27.13 -5.30 -19.29
C ARG B 363 -26.41 -6.65 -19.40
N ARG B 364 -25.82 -7.11 -18.30
CA ARG B 364 -25.18 -8.41 -18.29
C ARG B 364 -25.61 -9.12 -17.02
N GLU B 365 -25.88 -10.41 -17.15
CA GLU B 365 -26.27 -11.20 -16.01
C GLU B 365 -25.24 -12.29 -15.80
N TRP B 366 -24.55 -12.23 -14.65
CA TRP B 366 -23.50 -13.16 -14.29
C TRP B 366 -23.70 -13.68 -12.88
N LYS B 367 -22.93 -14.72 -12.55
CA LYS B 367 -22.95 -15.30 -11.21
C LYS B 367 -21.56 -15.44 -10.69
N LEU B 368 -21.37 -14.94 -9.48
CA LEU B 368 -20.10 -14.94 -8.79
C LEU B 368 -20.08 -16.00 -7.72
N PRO B 369 -18.96 -16.73 -7.56
CA PRO B 369 -18.89 -17.72 -6.47
C PRO B 369 -18.79 -17.06 -5.09
N GLN B 370 -19.38 -17.72 -4.09
CA GLN B 370 -19.31 -17.29 -2.69
C GLN B 370 -17.91 -17.61 -2.14
N LEU B 371 -17.47 -16.87 -1.12
CA LEU B 371 -16.13 -17.05 -0.58
C LEU B 371 -16.09 -17.30 0.92
N ARG B 372 -17.06 -18.06 1.43
CA ARG B 372 -17.10 -18.43 2.84
C ARG B 372 -16.05 -19.55 3.00
N PRO B 373 -15.38 -19.71 4.17
CA PRO B 373 -14.36 -20.78 4.31
C PRO B 373 -14.79 -22.18 3.86
N VAL B 374 -16.10 -22.47 3.87
CA VAL B 374 -16.66 -23.76 3.43
C VAL B 374 -16.49 -23.90 1.91
N ASP B 375 -16.80 -22.80 1.18
CA ASP B 375 -16.68 -22.72 -0.27
C ASP B 375 -15.21 -22.93 -0.66
N VAL B 376 -14.28 -22.27 0.09
CA VAL B 376 -12.84 -22.41 -0.09
C VAL B 376 -12.42 -23.90 0.13
N ARG B 377 -12.99 -24.54 1.19
CA ARG B 377 -12.73 -25.94 1.55
C ARG B 377 -13.21 -26.90 0.46
N ARG B 378 -14.32 -26.50 -0.21
CA ARG B 378 -14.91 -27.25 -1.32
C ARG B 378 -13.92 -27.28 -2.49
N LYS B 379 -13.43 -26.06 -2.95
CA LYS B 379 -12.48 -25.82 -4.05
C LYS B 379 -11.28 -26.76 -3.94
N LYS B 380 -10.63 -26.79 -2.76
CA LYS B 380 -9.45 -27.59 -2.52
C LYS B 380 -9.65 -29.07 -2.77
N ARG B 381 -10.84 -29.60 -2.40
CA ARG B 381 -11.23 -31.01 -2.50
C ARG B 381 -11.25 -31.58 -3.92
N LEU B 382 -11.41 -30.69 -4.94
CA LEU B 382 -11.45 -31.05 -6.37
C LEU B 382 -10.18 -31.75 -6.87
N HIS B 383 -9.08 -31.70 -6.07
CA HIS B 383 -7.81 -32.36 -6.38
C HIS B 383 -7.99 -33.86 -6.63
N GLU B 384 -9.08 -34.42 -6.07
CA GLU B 384 -9.45 -35.82 -6.13
C GLU B 384 -9.81 -36.28 -7.55
N ILE B 385 -10.73 -35.56 -8.23
CA ILE B 385 -11.21 -35.91 -9.57
C ILE B 385 -10.31 -35.42 -10.72
N GLN B 386 -9.17 -34.76 -10.38
CA GLN B 386 -8.22 -34.26 -11.38
C GLN B 386 -7.49 -35.40 -12.05
N GLY B 387 -7.53 -35.42 -13.38
CA GLY B 387 -6.82 -36.40 -14.20
C GLY B 387 -7.33 -37.81 -14.03
N LEU B 388 -8.66 -37.92 -13.95
CA LEU B 388 -9.38 -39.16 -13.78
C LEU B 388 -10.38 -39.20 -14.88
N ASN B 389 -10.40 -40.31 -15.60
CA ASN B 389 -11.27 -40.58 -16.77
C ASN B 389 -11.00 -39.55 -17.85
N GLY B 390 -9.73 -39.16 -17.97
CA GLY B 390 -9.27 -38.19 -18.95
C GLY B 390 -9.88 -36.79 -18.86
N LEU B 391 -10.21 -36.36 -17.63
CA LEU B 391 -10.83 -35.06 -17.35
C LEU B 391 -9.93 -34.26 -16.42
N TRP B 392 -9.99 -32.92 -16.54
CA TRP B 392 -9.24 -31.98 -15.71
C TRP B 392 -10.10 -30.76 -15.48
N PHE B 393 -9.91 -30.12 -14.32
CA PHE B 393 -10.74 -28.98 -13.92
C PHE B 393 -9.93 -27.75 -13.55
N CYS B 394 -10.29 -26.63 -14.17
CA CYS B 394 -9.66 -25.33 -13.91
C CYS B 394 -10.76 -24.26 -13.85
N GLY B 395 -10.38 -23.04 -13.45
CA GLY B 395 -11.32 -21.94 -13.36
C GLY B 395 -11.42 -21.30 -11.99
N THR B 396 -12.35 -20.33 -11.88
CA THR B 396 -12.65 -19.55 -10.70
C THR B 396 -13.07 -20.45 -9.51
N ASP B 397 -13.71 -21.60 -9.81
CA ASP B 397 -14.22 -22.55 -8.84
C ASP B 397 -13.18 -23.54 -8.33
N THR B 398 -12.03 -23.60 -9.00
CA THR B 398 -10.96 -24.54 -8.61
C THR B 398 -9.79 -23.78 -8.00
N SER B 399 -9.87 -22.45 -8.00
CA SER B 399 -8.77 -21.60 -7.58
C SER B 399 -9.20 -20.50 -6.61
N VAL B 400 -8.21 -19.70 -6.19
CA VAL B 400 -8.32 -18.54 -5.31
C VAL B 400 -9.02 -17.45 -6.11
N THR B 401 -9.55 -16.43 -5.42
CA THR B 401 -10.31 -15.34 -6.00
C THR B 401 -9.50 -14.54 -7.01
N GLY B 402 -10.20 -13.88 -7.94
CA GLY B 402 -9.65 -12.94 -8.89
C GLY B 402 -9.20 -13.57 -10.19
N HIS B 403 -8.97 -12.69 -11.18
CA HIS B 403 -8.52 -13.07 -12.51
C HIS B 403 -7.21 -13.83 -12.49
N GLU B 404 -6.23 -13.34 -11.72
CA GLU B 404 -4.93 -13.98 -11.57
C GLU B 404 -5.17 -15.44 -11.17
N GLY B 405 -6.08 -15.64 -10.21
CA GLY B 405 -6.47 -16.96 -9.73
C GLY B 405 -6.98 -17.85 -10.83
N ALA B 406 -7.91 -17.32 -11.67
CA ALA B 406 -8.51 -18.08 -12.78
C ALA B 406 -7.48 -18.47 -13.87
N ILE B 407 -6.80 -17.48 -14.47
CA ILE B 407 -5.82 -17.67 -15.55
C ILE B 407 -4.59 -18.50 -15.07
N VAL B 408 -4.14 -18.31 -13.83
CA VAL B 408 -3.05 -19.13 -13.30
C VAL B 408 -3.49 -20.60 -13.10
N SER B 409 -4.82 -20.86 -12.89
CA SER B 409 -5.32 -22.22 -12.67
C SER B 409 -5.23 -23.00 -13.98
N GLY B 410 -5.52 -22.28 -15.07
CA GLY B 410 -5.44 -22.76 -16.45
C GLY B 410 -3.99 -23.07 -16.78
N MSE B 411 -3.07 -22.23 -16.27
CA MSE B 411 -1.65 -22.44 -16.44
C MSE B 411 -1.21 -23.73 -15.73
O MSE B 411 -0.42 -24.47 -16.30
CB MSE B 411 -0.85 -21.26 -15.88
CG MSE B 411 -0.93 -20.02 -16.73
SE MSE B 411 0.27 -18.66 -16.05
CE MSE B 411 -0.22 -17.17 -17.29
N VAL B 412 -1.76 -24.01 -14.52
CA VAL B 412 -1.47 -25.19 -13.71
C VAL B 412 -1.85 -26.47 -14.48
N ILE B 413 -3.06 -26.50 -15.06
CA ILE B 413 -3.52 -27.65 -15.84
C ILE B 413 -2.63 -27.81 -17.10
N ALA B 414 -2.35 -26.71 -17.82
CA ALA B 414 -1.48 -26.71 -19.01
C ALA B 414 -0.10 -27.28 -18.68
N ASP B 415 0.44 -26.95 -17.48
CA ASP B 415 1.75 -27.42 -16.99
C ASP B 415 1.73 -28.91 -16.71
N ARG B 416 0.60 -29.40 -16.23
CA ARG B 416 0.41 -30.82 -15.92
C ARG B 416 0.34 -31.63 -17.23
N LEU B 417 -0.01 -30.97 -18.32
CA LEU B 417 -0.10 -31.60 -19.63
C LEU B 417 1.12 -31.25 -20.51
N GLY B 418 2.28 -31.11 -19.85
CA GLY B 418 3.58 -30.91 -20.47
C GLY B 418 3.97 -29.57 -21.06
N VAL B 419 3.19 -28.50 -20.79
CA VAL B 419 3.47 -27.12 -21.24
C VAL B 419 3.90 -26.34 -19.97
N PRO B 420 5.22 -26.28 -19.61
CA PRO B 420 5.61 -25.58 -18.35
C PRO B 420 5.22 -24.11 -18.22
N HIS B 421 5.08 -23.61 -16.98
CA HIS B 421 4.75 -22.21 -16.61
C HIS B 421 5.53 -21.23 -17.52
N PRO B 422 4.84 -20.37 -18.30
CA PRO B 422 5.54 -19.55 -19.30
C PRO B 422 6.53 -18.53 -18.77
N PHE B 423 6.41 -18.13 -17.50
CA PHE B 423 7.28 -17.10 -16.95
C PHE B 423 8.00 -17.52 -15.66
N PRO B 424 9.00 -18.42 -15.76
CA PRO B 424 9.73 -18.84 -14.54
C PRO B 424 10.68 -17.74 -14.06
N ASP B 425 11.09 -16.89 -15.02
CA ASP B 425 12.01 -15.76 -14.88
C ASP B 425 11.47 -14.76 -13.87
N ASP B 426 10.18 -14.41 -14.02
CA ASP B 426 9.45 -13.48 -13.17
C ASP B 426 9.23 -14.19 -11.84
N ALA B 427 9.99 -13.78 -10.80
CA ALA B 427 9.96 -14.34 -9.45
C ALA B 427 8.56 -14.37 -8.86
N PRO B 428 7.85 -13.20 -8.72
CA PRO B 428 6.48 -13.23 -8.17
C PRO B 428 5.46 -14.07 -8.97
N ALA B 429 5.55 -14.09 -10.31
CA ALA B 429 4.64 -14.88 -11.15
C ALA B 429 4.85 -16.38 -10.91
N ALA B 430 6.13 -16.79 -10.68
CA ALA B 430 6.50 -18.19 -10.39
C ALA B 430 5.99 -18.60 -9.03
N ALA B 431 6.06 -17.67 -8.06
CA ALA B 431 5.58 -17.85 -6.69
C ALA B 431 4.08 -18.06 -6.66
N GLN B 432 3.31 -17.28 -7.46
CA GLN B 432 1.85 -17.37 -7.55
C GLN B 432 1.46 -18.73 -8.11
N PHE B 433 2.06 -19.11 -9.24
CA PHE B 433 1.88 -20.40 -9.89
C PHE B 433 2.15 -21.54 -8.88
N ARG B 434 3.28 -21.48 -8.13
CA ARG B 434 3.61 -22.46 -7.11
C ARG B 434 2.51 -22.53 -6.05
N GLY B 435 1.92 -21.36 -5.71
CA GLY B 435 0.85 -21.23 -4.73
C GLY B 435 -0.43 -21.92 -5.16
N ILE B 436 -0.95 -21.54 -6.35
CA ILE B 436 -2.17 -22.06 -6.97
C ILE B 436 -2.02 -23.56 -7.20
N LYS B 437 -0.89 -24.01 -7.80
CA LYS B 437 -0.62 -25.43 -8.02
C LYS B 437 -0.75 -26.19 -6.70
N GLU B 438 -0.26 -25.57 -5.61
CA GLU B 438 -0.33 -26.18 -4.28
C GLU B 438 -1.76 -26.17 -3.76
N PHE B 439 -2.50 -25.04 -3.93
CA PHE B 439 -3.88 -24.87 -3.50
C PHE B 439 -4.76 -25.92 -4.17
N MSE B 440 -4.58 -26.08 -5.47
CA MSE B 440 -5.36 -26.99 -6.30
C MSE B 440 -5.05 -28.43 -6.07
O MSE B 440 -5.83 -29.28 -6.52
CB MSE B 440 -5.10 -26.68 -7.76
CG MSE B 440 -5.72 -25.40 -8.21
SE MSE B 440 -5.31 -25.14 -10.06
CE MSE B 440 -6.67 -26.32 -10.87
N GLY B 441 -3.91 -28.69 -5.42
CA GLY B 441 -3.42 -30.04 -5.16
C GLY B 441 -3.18 -30.81 -6.43
N VAL B 442 -2.50 -30.16 -7.41
CA VAL B 442 -2.18 -30.74 -8.72
C VAL B 442 -0.65 -30.84 -8.91
PA FAD C . 18.50 13.18 17.25
O1A FAD C . 19.08 14.33 16.51
O2A FAD C . 16.97 13.30 17.29
O5B FAD C . 19.08 12.96 18.77
C5B FAD C . 20.45 13.32 19.10
C4B FAD C . 20.45 14.14 20.37
O4B FAD C . 21.81 14.36 20.80
C3B FAD C . 19.78 15.52 20.29
O3B FAD C . 18.76 15.58 21.29
C2B FAD C . 20.94 16.49 20.58
O2B FAD C . 20.55 17.67 21.27
C1B FAD C . 21.86 15.63 21.42
N9A FAD C . 23.25 16.08 21.53
C8A FAD C . 23.97 16.77 20.60
N7A FAD C . 25.15 17.15 21.01
C5A FAD C . 25.22 16.66 22.32
C6A FAD C . 26.23 16.70 23.30
N6A FAD C . 27.40 17.33 23.15
N1A FAD C . 25.99 16.07 24.47
C2A FAD C . 24.81 15.47 24.65
N3A FAD C . 23.78 15.39 23.80
C4A FAD C . 24.05 15.99 22.64
N1 FAD C . 11.74 10.39 11.17
C2 FAD C . 10.54 9.73 11.16
O2 FAD C . 10.44 8.51 11.36
N3 FAD C . 9.38 10.42 10.86
C4 FAD C . 9.28 11.75 10.51
O4 FAD C . 8.20 12.24 10.21
C4X FAD C . 10.60 12.45 10.52
N5 FAD C . 10.60 13.73 10.30
C5X FAD C . 11.78 14.42 10.48
C6 FAD C . 11.78 15.82 10.34
C7 FAD C . 12.90 16.57 10.60
C7M FAD C . 12.85 18.06 10.42
C8 FAD C . 14.09 15.94 11.02
C8M FAD C . 15.32 16.73 11.37
C9 FAD C . 14.11 14.55 11.15
C9A FAD C . 12.97 13.78 10.88
N10 FAD C . 12.95 12.37 11.03
C10 FAD C . 11.77 11.68 10.89
C1' FAD C . 14.23 11.66 11.21
C2' FAD C . 14.85 11.71 12.60
O2' FAD C . 16.23 12.08 12.52
C3' FAD C . 14.70 10.37 13.32
O3' FAD C . 13.35 9.93 13.24
C4' FAD C . 15.08 10.28 14.80
O4' FAD C . 14.35 11.29 15.50
C5' FAD C . 16.57 10.42 15.03
O5' FAD C . 16.78 10.05 16.39
P FAD C . 18.22 10.39 17.02
O1P FAD C . 18.06 10.34 18.50
O2P FAD C . 19.20 9.31 16.50
O3P FAD C . 18.80 11.78 16.54
O1 OXY D . 13.85 11.88 7.28
O2 OXY D . 14.30 10.99 6.80
NA NA E . -6.66 14.66 3.15
PA FAD F . -15.91 -17.17 -16.52
O1A FAD F . -17.31 -17.07 -16.08
O2A FAD F . -15.34 -15.78 -16.79
O5B FAD F . -15.66 -18.16 -17.80
C5B FAD F . -16.49 -19.32 -18.01
C4B FAD F . -16.92 -19.37 -19.46
O4B FAD F . -17.60 -20.61 -19.75
C3B FAD F . -17.84 -18.25 -19.93
O3B FAD F . -17.25 -17.59 -21.04
C2B FAD F . -19.13 -18.99 -20.34
O2B FAD F . -19.85 -18.41 -21.42
C1B FAD F . -18.58 -20.34 -20.73
N9A FAD F . -19.54 -21.43 -20.78
C8A FAD F . -20.68 -21.57 -20.04
N7A FAD F . -21.43 -22.59 -20.39
C5A FAD F . -20.72 -23.17 -21.43
C6A FAD F . -20.98 -24.32 -22.22
N6A FAD F . -22.07 -25.07 -22.10
N1A FAD F . -20.05 -24.65 -23.15
C2A FAD F . -18.96 -23.88 -23.29
N3A FAD F . -18.63 -22.77 -22.61
C4A FAD F . -19.56 -22.47 -21.68
N1 FAD F . -11.94 -10.53 -10.94
C2 FAD F . -10.84 -9.68 -10.93
O2 FAD F . -9.70 -10.11 -10.83
N3 FAD F . -11.03 -8.31 -11.04
C4 FAD F . -12.24 -7.67 -11.16
O4 FAD F . -12.27 -6.46 -11.34
C4X FAD F . -13.40 -8.56 -11.18
N5 FAD F . -14.59 -8.03 -11.37
C5X FAD F . -15.66 -8.89 -11.59
C6 FAD F . -16.90 -8.34 -11.90
C7 FAD F . -17.99 -9.13 -12.21
C7M FAD F . -19.30 -8.47 -12.53
C8 FAD F . -17.84 -10.54 -12.21
C8M FAD F . -18.98 -11.45 -12.57
C9 FAD F . -16.61 -11.09 -11.88
C9A FAD F . -15.51 -10.28 -11.56
N10 FAD F . -14.23 -10.82 -11.26
C10 FAD F . -13.16 -9.99 -11.08
C1' FAD F . -14.10 -12.27 -11.04
C2' FAD F . -14.10 -13.18 -12.26
O2' FAD F . -15.03 -14.24 -12.08
C3' FAD F . -12.71 -13.75 -12.50
O3' FAD F . -11.77 -12.69 -12.48
C4' FAD F . -12.45 -14.51 -13.80
O4' FAD F . -12.86 -13.68 -14.88
C5' FAD F . -13.17 -15.85 -13.85
O5' FAD F . -12.64 -16.55 -14.99
P FAD F . -13.37 -17.86 -15.47
O1P FAD F . -12.95 -18.15 -16.84
O2P FAD F . -13.01 -19.01 -14.52
O3P FAD F . -14.95 -17.70 -15.38
O1 OXY G . -15.14 -9.57 -7.91
O2 OXY G . -14.82 -10.31 -7.16
NA NA H . -9.78 10.12 -8.39
#